data_6VM9
#
_entry.id   6VM9
#
_cell.length_a   129.744
_cell.length_b   129.744
_cell.length_c   113.440
_cell.angle_alpha   90.000
_cell.angle_beta   90.000
_cell.angle_gamma   120.000
#
_symmetry.space_group_name_H-M   'P 64'
#
loop_
_entity.id
_entity.type
_entity.pdbx_description
1 polymer 'MHC class I antigen, A-2 alpha chain'
2 polymer Beta-2-microglobulin
3 polymer 'Melanocyte protein PMEL'
4 polymer 'T4H2 T cell receptor alpha chain'
5 polymer 'T4H2 T cell receptor beta chain'
#
loop_
_entity_poly.entity_id
_entity_poly.type
_entity_poly.pdbx_seq_one_letter_code
_entity_poly.pdbx_strand_id
1 'polypeptide(L)'
;GSHSMRYFFTSVSRPGRGEPRFIAVGYVDDTQFVRFDSDAASQRMEPRAPWIEQEGPEYWDGETRKVKAHSQTHRVDLGT
LRGYYNQSEAGSHTVQRMYGCDVGSDWRFLRGYHQYAYDGKDYIALKEDLRSWTAADMAAQTTKHKWEAAHVAEQLRAYL
EGTCVEWLRRYLENGKETLQRTDAPKTHMTHHAVSDHEATLRCWALSFYPAEITLTWQRDGEDQTQDTELVETRPAGDGT
FQKWAAVVVPSGQEQRYTCHVQHEGLPKPLTLRWE
;
A
2 'polypeptide(L)'
;MIQRTPKIQVYSRHPAENGKSNFLNCYVSGFHPSDIEVDLLKNGERIEKVEHSDLSFSKDWSFYLLYYTEFTPTEKDEYA
CRVNHVTLSQPKIVKWDRDM
;
B
3 'polypeptide(L)' IMDQVPFSV C
4 'polypeptide(L)'
;MQKEVEQNSGPLSVPEGAIASLNCTYSDRGSQSFFWYRQYSGKSPELIMSIYSNGDKEDGRFTAQLNKASQYVSLLIRDS
QPSDSATYLCAVNALLGNQFYFGTGTSLTVIPNIQNPDPAVYQLRDSKSSDKSVCLFTDFDSQTNVSQSKDSDVYITDKC
VLDMRSMDFKSNSAVAWSNKSDFACANAFNNSIIPEDTFFPSPESS
;
D
5 'polypeptide(L)'
;MGITQSPKYLFRKEGQNVTLSCEQNLNHDAMYWYRQDPGQGLRLIYYSQIVNDFQKGDIAEGYSVSREKKESFPLTVTSA
QKNPTAFYLCASSMGGTYEQYFGPGTRLTVTEDLKNVFPPEVAVFEPSEAEISHTQKATLVCLATGFYPDHVELSWWVNG
KEVHSGVCTDPQPLKEQPALNDSRYALSSRLRVSATFWQDPRNHFRCQVQFYGLSENDEWTQDRAKPVTQIVSAEAWGRA
D
;
E
#
# COMPACT_ATOMS: atom_id res chain seq x y z
N GLY A 1 -37.87 -16.10 9.19
CA GLY A 1 -38.86 -16.86 8.45
C GLY A 1 -38.25 -17.95 7.58
N SER A 2 -38.80 -18.12 6.38
CA SER A 2 -38.28 -19.13 5.46
C SER A 2 -36.91 -18.75 4.94
N HIS A 3 -36.78 -17.54 4.41
CA HIS A 3 -35.51 -17.03 3.91
C HIS A 3 -35.30 -15.60 4.38
N SER A 4 -34.06 -15.13 4.28
CA SER A 4 -33.71 -13.82 4.79
C SER A 4 -32.45 -13.32 4.11
N MET A 5 -32.39 -12.00 3.93
CA MET A 5 -31.23 -11.31 3.41
C MET A 5 -30.74 -10.32 4.45
N ARG A 6 -29.43 -10.28 4.67
CA ARG A 6 -28.86 -9.48 5.75
C ARG A 6 -27.55 -8.86 5.30
N TYR A 7 -27.26 -7.67 5.84
CA TYR A 7 -25.99 -6.98 5.63
C TYR A 7 -25.39 -6.57 6.96
N PHE A 8 -24.06 -6.56 7.01
CA PHE A 8 -23.32 -6.25 8.23
C PHE A 8 -22.19 -5.29 7.88
N PHE A 9 -22.09 -4.20 8.64
CA PHE A 9 -21.10 -3.17 8.41
C PHE A 9 -20.38 -2.85 9.72
N THR A 10 -19.06 -2.79 9.67
CA THR A 10 -18.24 -2.44 10.83
C THR A 10 -17.21 -1.41 10.43
N SER A 11 -16.99 -0.44 11.32
CA SER A 11 -16.01 0.63 11.08
C SER A 11 -15.25 0.85 12.38
N VAL A 12 -14.02 0.33 12.45
CA VAL A 12 -13.17 0.48 13.62
C VAL A 12 -12.19 1.63 13.37
N SER A 13 -12.02 2.48 14.37
CA SER A 13 -11.14 3.63 14.26
C SER A 13 -9.72 3.26 14.68
N ARG A 14 -8.75 3.89 14.02
CA ARG A 14 -7.32 3.66 14.30
C ARG A 14 -6.67 5.03 14.52
N PRO A 15 -6.82 5.61 15.71
CA PRO A 15 -6.27 6.94 15.94
C PRO A 15 -4.74 6.92 15.88
N GLY A 16 -4.20 7.80 15.03
CA GLY A 16 -2.78 8.05 14.95
C GLY A 16 -2.05 7.30 13.85
N ARG A 17 -2.65 6.25 13.30
CA ARG A 17 -1.95 5.44 12.30
C ARG A 17 -2.85 5.08 11.12
N GLY A 18 -3.89 5.86 10.87
CA GLY A 18 -4.67 5.71 9.66
C GLY A 18 -6.12 6.06 9.89
N GLU A 19 -6.85 6.12 8.78
CA GLU A 19 -8.27 6.36 8.76
C GLU A 19 -9.03 5.11 9.21
N PRO A 20 -10.28 5.27 9.66
CA PRO A 20 -11.06 4.11 10.11
C PRO A 20 -11.19 3.05 9.03
N ARG A 21 -11.05 1.80 9.44
CA ARG A 21 -11.15 0.66 8.54
C ARG A 21 -12.62 0.23 8.43
N PHE A 22 -13.08 0.03 7.19
CA PHE A 22 -14.47 -0.28 6.91
C PHE A 22 -14.56 -1.67 6.29
N ILE A 23 -15.46 -2.49 6.83
CA ILE A 23 -15.67 -3.86 6.36
C ILE A 23 -17.17 -4.08 6.21
N ALA A 24 -17.59 -4.56 5.04
CA ALA A 24 -18.99 -4.82 4.75
C ALA A 24 -19.13 -6.22 4.21
N VAL A 25 -20.12 -6.96 4.71
CA VAL A 25 -20.42 -8.30 4.24
C VAL A 25 -21.91 -8.44 4.03
N GLY A 26 -22.28 -9.33 3.12
CA GLY A 26 -23.68 -9.61 2.83
C GLY A 26 -23.97 -11.08 2.89
N TYR A 27 -25.12 -11.44 3.43
CA TYR A 27 -25.46 -12.86 3.57
C TYR A 27 -26.90 -13.09 3.14
N VAL A 28 -27.16 -14.25 2.58
CA VAL A 28 -28.54 -14.69 2.27
C VAL A 28 -28.67 -15.97 3.08
N ASP A 29 -29.70 -16.09 3.91
CA ASP A 29 -29.78 -17.32 4.74
C ASP A 29 -28.44 -17.30 5.47
N ASP A 30 -27.72 -18.41 5.42
CA ASP A 30 -26.37 -18.52 6.04
C ASP A 30 -25.25 -18.55 5.01
N THR A 31 -25.45 -18.00 3.82
CA THR A 31 -24.43 -18.02 2.79
C THR A 31 -23.99 -16.60 2.50
N GLN A 32 -22.70 -16.33 2.67
CA GLN A 32 -22.13 -15.04 2.32
C GLN A 32 -21.88 -14.98 0.82
N PHE A 33 -22.24 -13.85 0.21
CA PHE A 33 -22.10 -13.69 -1.23
C PHE A 33 -21.38 -12.42 -1.66
N VAL A 34 -21.29 -11.40 -0.81
CA VAL A 34 -20.55 -10.18 -1.12
C VAL A 34 -19.71 -9.78 0.09
N ARG A 35 -18.70 -8.96 -0.17
CA ARG A 35 -17.80 -8.51 0.88
C ARG A 35 -17.06 -7.27 0.41
N PHE A 36 -16.52 -6.52 1.37
CA PHE A 36 -15.68 -5.37 1.07
C PHE A 36 -14.79 -5.09 2.27
N ASP A 37 -13.56 -4.66 2.00
CA ASP A 37 -12.60 -4.36 3.04
C ASP A 37 -11.72 -3.22 2.56
N SER A 38 -11.70 -2.12 3.32
CA SER A 38 -10.88 -0.97 2.93
C SER A 38 -9.41 -1.31 2.94
N ASP A 39 -9.00 -2.31 3.74
CA ASP A 39 -7.61 -2.75 3.77
C ASP A 39 -7.28 -3.73 2.66
N ALA A 40 -8.29 -4.29 2.00
CA ALA A 40 -8.05 -5.23 0.92
C ALA A 40 -7.48 -4.52 -0.30
N ALA A 41 -6.93 -5.30 -1.23
CA ALA A 41 -6.28 -4.73 -2.39
C ALA A 41 -7.25 -4.42 -3.52
N SER A 42 -8.38 -5.12 -3.60
CA SER A 42 -9.30 -4.93 -4.71
C SER A 42 -9.98 -3.57 -4.65
N GLN A 43 -10.29 -3.09 -3.45
CA GLN A 43 -10.98 -1.82 -3.25
C GLN A 43 -12.32 -1.78 -3.97
N ARG A 44 -12.92 -2.95 -4.18
CA ARG A 44 -14.21 -3.06 -4.85
C ARG A 44 -15.05 -4.09 -4.12
N MET A 45 -16.35 -4.06 -4.39
CA MET A 45 -17.26 -5.06 -3.86
C MET A 45 -16.94 -6.41 -4.49
N GLU A 46 -16.47 -7.35 -3.69
CA GLU A 46 -16.04 -8.60 -4.28
C GLU A 46 -17.11 -9.67 -4.10
N PRO A 47 -17.21 -10.61 -5.04
CA PRO A 47 -18.16 -11.72 -4.89
C PRO A 47 -17.61 -12.81 -3.97
N ARG A 48 -18.53 -13.45 -3.25
CA ARG A 48 -18.18 -14.56 -2.38
C ARG A 48 -19.06 -15.79 -2.61
N ALA A 49 -19.99 -15.74 -3.55
CA ALA A 49 -20.80 -16.88 -3.94
C ALA A 49 -20.75 -17.03 -5.46
N PRO A 50 -20.94 -18.26 -5.96
CA PRO A 50 -20.89 -18.44 -7.42
C PRO A 50 -22.00 -17.72 -8.16
N TRP A 51 -23.21 -17.71 -7.60
CA TRP A 51 -24.36 -17.17 -8.34
C TRP A 51 -24.31 -15.65 -8.48
N ILE A 52 -23.75 -14.95 -7.49
CA ILE A 52 -23.69 -13.49 -7.57
C ILE A 52 -22.71 -13.01 -8.61
N GLU A 53 -21.75 -13.86 -9.02
CA GLU A 53 -20.73 -13.44 -9.96
C GLU A 53 -21.30 -13.11 -11.35
N GLN A 54 -22.49 -13.62 -11.67
CA GLN A 54 -23.08 -13.39 -12.98
C GLN A 54 -23.67 -12.00 -13.15
N GLU A 55 -23.71 -11.20 -12.08
CA GLU A 55 -24.27 -9.85 -12.18
C GLU A 55 -23.40 -8.98 -13.09
N GLY A 56 -24.05 -7.99 -13.70
CA GLY A 56 -23.40 -7.10 -14.63
C GLY A 56 -22.44 -6.15 -13.95
N PRO A 57 -21.59 -5.47 -14.74
CA PRO A 57 -20.65 -4.51 -14.14
C PRO A 57 -21.33 -3.32 -13.50
N GLU A 58 -22.54 -2.96 -13.93
CA GLU A 58 -23.25 -1.86 -13.29
C GLU A 58 -23.65 -2.23 -11.85
N TYR A 59 -23.88 -3.52 -11.59
CA TYR A 59 -24.15 -3.95 -10.22
C TYR A 59 -22.91 -3.80 -9.35
N TRP A 60 -21.74 -4.20 -9.84
CA TRP A 60 -20.53 -4.12 -9.04
C TRP A 60 -20.04 -2.69 -8.92
N ASP A 61 -20.16 -1.89 -9.98
CA ASP A 61 -19.80 -0.48 -9.88
C ASP A 61 -20.69 0.25 -8.89
N GLY A 62 -21.96 -0.14 -8.80
CA GLY A 62 -22.85 0.51 -7.85
C GLY A 62 -22.57 0.11 -6.41
N GLU A 63 -22.41 -1.20 -6.18
CA GLU A 63 -22.11 -1.67 -4.82
C GLU A 63 -20.77 -1.14 -4.34
N THR A 64 -19.83 -0.90 -5.25
CA THR A 64 -18.55 -0.30 -4.85
C THR A 64 -18.73 1.17 -4.49
N ARG A 65 -19.61 1.88 -5.21
CA ARG A 65 -19.87 3.28 -4.89
C ARG A 65 -20.54 3.44 -3.54
N LYS A 66 -21.33 2.45 -3.11
CA LYS A 66 -22.04 2.56 -1.84
C LYS A 66 -21.08 2.43 -0.66
N VAL A 67 -20.24 1.39 -0.68
CA VAL A 67 -19.32 1.17 0.44
C VAL A 67 -18.27 2.27 0.52
N LYS A 68 -17.89 2.86 -0.63
CA LYS A 68 -16.97 3.98 -0.60
C LYS A 68 -17.59 5.21 0.05
N ALA A 69 -18.91 5.37 -0.08
CA ALA A 69 -19.61 6.44 0.62
C ALA A 69 -20.05 6.03 2.02
N HIS A 70 -20.40 4.75 2.21
CA HIS A 70 -20.77 4.26 3.53
C HIS A 70 -19.60 4.36 4.50
N SER A 71 -18.38 4.09 4.01
CA SER A 71 -17.19 4.24 4.84
C SER A 71 -16.98 5.70 5.23
N GLN A 72 -17.20 6.62 4.29
CA GLN A 72 -17.07 8.05 4.60
C GLN A 72 -18.13 8.49 5.60
N THR A 73 -19.34 7.94 5.50
CA THR A 73 -20.39 8.29 6.45
C THR A 73 -20.04 7.81 7.85
N HIS A 74 -19.45 6.62 7.97
CA HIS A 74 -19.02 6.13 9.27
C HIS A 74 -17.84 6.92 9.84
N ARG A 75 -17.04 7.55 8.97
CA ARG A 75 -15.94 8.37 9.46
C ARG A 75 -16.45 9.61 10.17
N VAL A 76 -17.42 10.31 9.57
CA VAL A 76 -18.02 11.45 10.24
C VAL A 76 -18.94 11.00 11.37
N ASP A 77 -19.35 9.72 11.39
CA ASP A 77 -20.10 9.20 12.52
C ASP A 77 -19.20 9.01 13.73
N LEU A 78 -17.96 8.55 13.51
CA LEU A 78 -17.04 8.36 14.63
C LEU A 78 -16.61 9.69 15.22
N GLY A 79 -16.36 10.69 14.37
CA GLY A 79 -15.98 12.00 14.88
C GLY A 79 -17.13 12.70 15.60
N THR A 80 -18.35 12.54 15.09
CA THR A 80 -19.51 13.14 15.75
C THR A 80 -19.81 12.44 17.06
N LEU A 81 -19.65 11.11 17.11
CA LEU A 81 -20.03 10.35 18.29
C LEU A 81 -19.07 10.60 19.47
N ARG A 82 -17.79 10.81 19.19
CA ARG A 82 -16.87 11.11 20.29
C ARG A 82 -17.18 12.44 20.96
N GLY A 83 -18.01 13.27 20.35
CA GLY A 83 -18.45 14.51 20.97
C GLY A 83 -19.75 14.36 21.72
N TYR A 84 -20.55 13.35 21.34
CA TYR A 84 -21.79 13.09 22.06
C TYR A 84 -21.53 12.67 23.50
N TYR A 85 -20.44 11.94 23.74
CA TYR A 85 -20.06 11.53 25.08
C TYR A 85 -18.81 12.23 25.58
N ASN A 86 -18.24 13.14 24.77
CA ASN A 86 -17.02 13.87 25.11
C ASN A 86 -15.87 12.91 25.40
N GLN A 87 -15.56 12.09 24.39
CA GLN A 87 -14.45 11.14 24.45
C GLN A 87 -13.26 11.71 23.68
N SER A 88 -12.06 11.35 24.14
CA SER A 88 -10.85 11.88 23.55
C SER A 88 -10.63 11.30 22.15
N GLU A 89 -9.71 11.94 21.41
CA GLU A 89 -9.33 11.48 20.09
C GLU A 89 -8.32 10.32 20.14
N ALA A 90 -7.86 9.94 21.33
CA ALA A 90 -6.93 8.83 21.46
C ALA A 90 -7.64 7.49 21.65
N GLY A 91 -8.86 7.50 22.17
CA GLY A 91 -9.59 6.25 22.34
C GLY A 91 -10.07 5.71 21.01
N SER A 92 -9.89 4.41 20.80
CA SER A 92 -10.31 3.75 19.57
C SER A 92 -11.72 3.21 19.75
N HIS A 93 -12.63 3.62 18.88
CA HIS A 93 -14.02 3.20 18.92
C HIS A 93 -14.38 2.48 17.63
N THR A 94 -15.55 1.84 17.63
CA THR A 94 -16.04 1.13 16.47
C THR A 94 -17.53 1.38 16.30
N VAL A 95 -18.00 1.20 15.06
CA VAL A 95 -19.39 1.43 14.68
C VAL A 95 -19.90 0.20 13.94
N GLN A 96 -21.09 -0.25 14.30
CA GLN A 96 -21.70 -1.43 13.67
C GLN A 96 -23.11 -1.08 13.21
N ARG A 97 -23.39 -1.29 11.93
CA ARG A 97 -24.72 -1.11 11.36
C ARG A 97 -25.14 -2.40 10.67
N MET A 98 -26.42 -2.73 10.78
CA MET A 98 -26.95 -3.91 10.11
C MET A 98 -28.41 -3.68 9.77
N TYR A 99 -28.87 -4.35 8.73
CA TYR A 99 -30.27 -4.32 8.33
C TYR A 99 -30.56 -5.58 7.52
N GLY A 100 -31.82 -5.73 7.14
CA GLY A 100 -32.23 -6.88 6.35
C GLY A 100 -33.70 -7.16 6.50
N CYS A 101 -34.18 -8.05 5.65
CA CYS A 101 -35.58 -8.43 5.62
C CYS A 101 -35.72 -9.95 5.67
N ASP A 102 -36.81 -10.41 6.28
CA ASP A 102 -37.15 -11.81 6.33
C ASP A 102 -38.42 -12.06 5.53
N VAL A 103 -38.42 -13.12 4.74
CA VAL A 103 -39.57 -13.48 3.93
C VAL A 103 -40.15 -14.80 4.43
N GLY A 104 -41.42 -15.03 4.10
CA GLY A 104 -42.11 -16.25 4.45
C GLY A 104 -42.00 -17.30 3.38
N SER A 105 -42.88 -18.30 3.46
CA SER A 105 -42.90 -19.37 2.47
C SER A 105 -43.33 -18.89 1.10
N ASP A 106 -44.10 -17.80 1.04
CA ASP A 106 -44.53 -17.22 -0.22
C ASP A 106 -43.51 -16.24 -0.80
N TRP A 107 -42.34 -16.11 -0.16
CA TRP A 107 -41.28 -15.19 -0.59
C TRP A 107 -41.77 -13.75 -0.63
N ARG A 108 -42.71 -13.40 0.24
CA ARG A 108 -43.18 -12.03 0.42
C ARG A 108 -42.64 -11.49 1.74
N PHE A 109 -42.73 -10.17 1.88
CA PHE A 109 -42.19 -9.52 3.08
C PHE A 109 -42.87 -10.04 4.33
N LEU A 110 -42.07 -10.44 5.31
CA LEU A 110 -42.55 -10.91 6.60
C LEU A 110 -42.03 -10.11 7.78
N ARG A 111 -40.82 -9.57 7.69
CA ARG A 111 -40.22 -8.88 8.83
C ARG A 111 -39.03 -8.06 8.33
N GLY A 112 -38.81 -6.93 8.96
CA GLY A 112 -37.69 -6.07 8.61
C GLY A 112 -37.06 -5.49 9.85
N TYR A 113 -35.76 -5.22 9.75
CA TYR A 113 -35.00 -4.69 10.87
C TYR A 113 -33.86 -3.82 10.37
N HIS A 114 -33.50 -2.82 11.18
CA HIS A 114 -32.37 -1.95 10.90
C HIS A 114 -31.85 -1.44 12.24
N GLN A 115 -30.61 -1.79 12.57
CA GLN A 115 -30.06 -1.52 13.89
C GLN A 115 -28.68 -0.88 13.76
N TYR A 116 -28.29 -0.15 14.79
CA TYR A 116 -27.04 0.60 14.84
C TYR A 116 -26.45 0.47 16.23
N ALA A 117 -25.14 0.23 16.31
CA ALA A 117 -24.47 0.05 17.58
C ALA A 117 -23.18 0.85 17.61
N TYR A 118 -22.85 1.36 18.80
CA TYR A 118 -21.62 2.11 19.02
C TYR A 118 -20.89 1.49 20.20
N ASP A 119 -19.65 1.05 19.96
CA ASP A 119 -18.81 0.44 20.98
C ASP A 119 -19.45 -0.82 21.58
N GLY A 120 -20.09 -1.61 20.71
CA GLY A 120 -20.56 -2.92 21.10
C GLY A 120 -21.92 -2.98 21.77
N LYS A 121 -22.55 -1.84 22.06
CA LYS A 121 -23.85 -1.81 22.68
C LYS A 121 -24.85 -1.06 21.81
N ASP A 122 -26.12 -1.34 22.05
CA ASP A 122 -27.19 -0.79 21.21
C ASP A 122 -27.19 0.74 21.24
N TYR A 123 -27.43 1.33 20.08
CA TYR A 123 -27.55 2.78 19.93
C TYR A 123 -28.96 3.18 19.53
N ILE A 124 -29.45 2.68 18.40
CA ILE A 124 -30.75 3.08 17.87
C ILE A 124 -31.17 2.02 16.86
N ALA A 125 -32.46 1.71 16.86
CA ALA A 125 -32.97 0.64 16.01
C ALA A 125 -34.37 0.98 15.53
N LEU A 126 -34.69 0.50 14.34
CA LEU A 126 -36.03 0.65 13.79
C LEU A 126 -36.94 -0.42 14.39
N LYS A 127 -38.09 0.01 14.91
CA LYS A 127 -39.03 -0.93 15.50
C LYS A 127 -39.59 -1.87 14.44
N GLU A 128 -40.31 -2.88 14.90
CA GLU A 128 -40.85 -3.89 13.99
C GLU A 128 -41.90 -3.32 13.06
N ASP A 129 -42.53 -2.19 13.40
CA ASP A 129 -43.46 -1.52 12.51
C ASP A 129 -42.76 -0.74 11.41
N LEU A 130 -41.44 -0.61 11.49
CA LEU A 130 -40.62 0.11 10.51
C LEU A 130 -40.98 1.59 10.43
N ARG A 131 -41.66 2.12 11.45
CA ARG A 131 -42.09 3.51 11.47
C ARG A 131 -41.57 4.30 12.67
N SER A 132 -41.18 3.63 13.75
CA SER A 132 -40.70 4.29 14.96
C SER A 132 -39.22 3.98 15.16
N TRP A 133 -38.69 4.46 16.28
CA TRP A 133 -37.29 4.26 16.63
C TRP A 133 -37.18 3.86 18.10
N THR A 134 -36.05 3.24 18.43
CA THR A 134 -35.76 2.81 19.81
C THR A 134 -34.36 3.30 20.14
N ALA A 135 -34.28 4.48 20.76
CA ALA A 135 -33.01 5.08 21.13
C ALA A 135 -32.57 4.58 22.50
N ALA A 136 -31.27 4.31 22.63
CA ALA A 136 -30.75 3.69 23.85
C ALA A 136 -30.57 4.71 24.97
N ASP A 137 -29.71 5.71 24.76
CA ASP A 137 -29.34 6.66 25.79
C ASP A 137 -29.82 8.07 25.40
N MET A 138 -29.42 9.05 26.22
CA MET A 138 -29.83 10.44 25.96
C MET A 138 -29.26 10.93 24.63
N ALA A 139 -27.98 10.68 24.37
CA ALA A 139 -27.38 11.06 23.10
C ALA A 139 -27.95 10.27 21.94
N ALA A 140 -28.61 9.14 22.20
CA ALA A 140 -29.19 8.36 21.11
C ALA A 140 -30.46 9.02 20.58
N GLN A 141 -31.15 9.81 21.41
CA GLN A 141 -32.32 10.55 20.95
C GLN A 141 -31.94 11.82 20.20
N THR A 142 -30.68 12.25 20.26
CA THR A 142 -30.24 13.38 19.44
C THR A 142 -30.30 13.02 17.95
N THR A 143 -29.86 11.81 17.60
CA THR A 143 -29.95 11.36 16.21
C THR A 143 -31.34 10.85 15.85
N LYS A 144 -32.13 10.42 16.84
CA LYS A 144 -33.49 10.00 16.55
C LYS A 144 -34.33 11.17 16.05
N HIS A 145 -34.32 12.28 16.79
CA HIS A 145 -35.03 13.47 16.35
C HIS A 145 -34.44 14.02 15.06
N LYS A 146 -33.13 13.84 14.85
CA LYS A 146 -32.53 14.23 13.58
C LYS A 146 -32.99 13.32 12.45
N TRP A 147 -33.28 12.06 12.74
CA TRP A 147 -33.77 11.12 11.74
C TRP A 147 -35.28 11.10 11.63
N GLU A 148 -36.00 11.57 12.65
CA GLU A 148 -37.45 11.70 12.54
C GLU A 148 -37.82 12.93 11.72
N ALA A 149 -37.06 14.02 11.87
CA ALA A 149 -37.31 15.22 11.06
C ALA A 149 -36.91 15.02 9.61
N ALA A 150 -36.04 14.07 9.32
CA ALA A 150 -35.62 13.77 7.95
C ALA A 150 -36.42 12.63 7.33
N HIS A 151 -37.39 12.07 8.05
CA HIS A 151 -38.22 10.97 7.56
C HIS A 151 -37.36 9.79 7.10
N VAL A 152 -36.38 9.43 7.95
CA VAL A 152 -35.47 8.35 7.59
C VAL A 152 -36.19 7.01 7.59
N ALA A 153 -37.10 6.80 8.55
CA ALA A 153 -37.81 5.53 8.64
C ALA A 153 -38.66 5.27 7.40
N GLU A 154 -39.11 6.33 6.72
CA GLU A 154 -39.91 6.15 5.52
C GLU A 154 -39.10 5.53 4.39
N GLN A 155 -37.89 6.05 4.15
CA GLN A 155 -37.04 5.52 3.09
C GLN A 155 -36.33 4.24 3.49
N LEU A 156 -36.21 3.96 4.79
CA LEU A 156 -35.65 2.68 5.24
C LEU A 156 -36.67 1.57 5.12
N ARG A 157 -37.94 1.86 5.43
CA ARG A 157 -39.01 0.89 5.27
C ARG A 157 -39.09 0.38 3.84
N ALA A 158 -38.73 1.22 2.87
CA ALA A 158 -38.83 0.85 1.46
C ALA A 158 -37.83 -0.23 1.11
N TYR A 159 -36.58 -0.12 1.59
CA TYR A 159 -35.61 -1.20 1.38
C TYR A 159 -36.14 -2.51 1.94
N LEU A 160 -36.61 -2.50 3.18
CA LEU A 160 -37.00 -3.74 3.84
C LEU A 160 -38.30 -4.30 3.27
N GLU A 161 -39.29 -3.44 3.04
CA GLU A 161 -40.56 -3.88 2.47
C GLU A 161 -40.51 -4.06 0.96
N GLY A 162 -39.58 -3.40 0.28
CA GLY A 162 -39.53 -3.40 -1.17
C GLY A 162 -38.37 -4.18 -1.77
N THR A 163 -37.31 -3.45 -2.15
CA THR A 163 -36.25 -4.05 -2.95
C THR A 163 -35.48 -5.16 -2.23
N CYS A 164 -35.55 -5.22 -0.90
CA CYS A 164 -34.88 -6.32 -0.21
C CYS A 164 -35.52 -7.66 -0.57
N VAL A 165 -36.85 -7.73 -0.53
CA VAL A 165 -37.51 -8.99 -0.88
C VAL A 165 -37.50 -9.19 -2.39
N GLU A 166 -37.49 -8.11 -3.18
CA GLU A 166 -37.49 -8.27 -4.63
C GLU A 166 -36.12 -8.67 -5.16
N TRP A 167 -35.05 -8.29 -4.45
CA TRP A 167 -33.71 -8.76 -4.78
C TRP A 167 -33.29 -9.97 -3.97
N LEU A 168 -34.01 -10.30 -2.90
CA LEU A 168 -33.81 -11.59 -2.24
C LEU A 168 -34.40 -12.72 -3.09
N ARG A 169 -35.58 -12.49 -3.67
CA ARG A 169 -36.15 -13.46 -4.59
C ARG A 169 -35.27 -13.64 -5.83
N ARG A 170 -34.66 -12.55 -6.30
CA ARG A 170 -33.75 -12.64 -7.43
C ARG A 170 -32.54 -13.50 -7.10
N TYR A 171 -32.06 -13.46 -5.85
CA TYR A 171 -30.93 -14.28 -5.46
C TYR A 171 -31.34 -15.72 -5.17
N LEU A 172 -32.57 -15.93 -4.69
CA LEU A 172 -33.01 -17.30 -4.40
C LEU A 172 -33.23 -18.11 -5.66
N GLU A 173 -33.56 -17.46 -6.77
CA GLU A 173 -33.83 -18.17 -8.02
C GLU A 173 -32.57 -18.37 -8.85
N ASN A 174 -31.71 -17.36 -8.93
CA ASN A 174 -30.47 -17.50 -9.70
C ASN A 174 -29.55 -18.54 -9.05
N GLY A 175 -29.35 -18.44 -7.74
CA GLY A 175 -28.60 -19.45 -7.02
C GLY A 175 -29.50 -20.50 -6.39
N LYS A 176 -30.25 -21.23 -7.22
CA LYS A 176 -31.19 -22.21 -6.68
C LYS A 176 -30.49 -23.46 -6.15
N GLU A 177 -29.46 -23.92 -6.86
CA GLU A 177 -28.74 -25.10 -6.40
C GLU A 177 -27.89 -24.86 -5.17
N THR A 178 -27.82 -23.61 -4.68
CA THR A 178 -27.01 -23.28 -3.52
C THR A 178 -27.84 -22.82 -2.33
N LEU A 179 -28.81 -21.93 -2.55
CA LEU A 179 -29.56 -21.33 -1.45
C LEU A 179 -30.81 -22.14 -1.08
N GLN A 180 -31.51 -22.69 -2.07
CA GLN A 180 -32.73 -23.45 -1.83
C GLN A 180 -32.45 -24.91 -1.49
N ARG A 181 -31.19 -25.27 -1.25
CA ARG A 181 -30.86 -26.63 -0.86
C ARG A 181 -31.04 -26.82 0.64
N THR A 182 -31.00 -28.07 1.08
CA THR A 182 -31.06 -28.39 2.50
C THR A 182 -30.30 -29.70 2.71
N ASP A 183 -29.18 -29.62 3.44
CA ASP A 183 -28.32 -30.78 3.68
C ASP A 183 -28.63 -31.35 5.07
N ALA A 184 -29.13 -32.59 5.09
CA ALA A 184 -29.40 -33.25 6.35
C ALA A 184 -28.08 -33.54 7.09
N PRO A 185 -28.11 -33.54 8.42
CA PRO A 185 -26.86 -33.78 9.17
C PRO A 185 -26.38 -35.22 9.02
N LYS A 186 -25.07 -35.36 8.91
CA LYS A 186 -24.42 -36.68 8.95
C LYS A 186 -24.01 -36.94 10.39
N THR A 187 -24.75 -37.82 11.07
CA THR A 187 -24.63 -37.99 12.51
C THR A 187 -23.92 -39.29 12.86
N HIS A 188 -23.16 -39.24 13.95
CA HIS A 188 -22.54 -40.41 14.54
C HIS A 188 -22.27 -40.10 16.01
N MET A 189 -21.80 -41.12 16.73
CA MET A 189 -21.56 -40.98 18.16
C MET A 189 -20.24 -41.65 18.53
N THR A 190 -19.46 -40.96 19.35
CA THR A 190 -18.19 -41.48 19.84
C THR A 190 -18.31 -41.84 21.31
N HIS A 191 -17.35 -42.64 21.78
CA HIS A 191 -17.31 -43.10 23.16
C HIS A 191 -15.92 -42.86 23.73
N HIS A 192 -15.85 -42.18 24.87
CA HIS A 192 -14.58 -41.82 25.50
C HIS A 192 -14.64 -42.19 26.97
N ALA A 193 -13.66 -42.98 27.42
CA ALA A 193 -13.61 -43.41 28.81
C ALA A 193 -12.97 -42.33 29.66
N VAL A 194 -13.74 -41.77 30.58
CA VAL A 194 -13.24 -40.73 31.49
C VAL A 194 -12.61 -41.38 32.71
N SER A 195 -13.39 -42.21 33.40
CA SER A 195 -12.93 -42.89 34.61
C SER A 195 -13.41 -44.34 34.58
N ASP A 196 -13.12 -45.07 35.65
CA ASP A 196 -13.55 -46.46 35.73
C ASP A 196 -15.06 -46.58 35.82
N HIS A 197 -15.74 -45.56 36.34
CA HIS A 197 -17.18 -45.59 36.52
C HIS A 197 -17.96 -44.72 35.54
N GLU A 198 -17.32 -43.72 34.94
CA GLU A 198 -18.00 -42.79 34.05
C GLU A 198 -17.34 -42.79 32.67
N ALA A 199 -18.14 -42.45 31.66
CA ALA A 199 -17.67 -42.31 30.29
C ALA A 199 -18.56 -41.28 29.59
N THR A 200 -17.96 -40.52 28.68
CA THR A 200 -18.65 -39.44 27.99
C THR A 200 -19.12 -39.92 26.61
N LEU A 201 -20.42 -39.75 26.36
CA LEU A 201 -21.00 -40.03 25.05
C LEU A 201 -21.14 -38.70 24.29
N ARG A 202 -20.52 -38.63 23.13
CA ARG A 202 -20.51 -37.41 22.32
C ARG A 202 -21.31 -37.64 21.04
N CYS A 203 -22.33 -36.82 20.83
CA CYS A 203 -23.23 -36.96 19.70
C CYS A 203 -22.86 -35.93 18.63
N TRP A 204 -22.40 -36.42 17.48
CA TRP A 204 -21.91 -35.55 16.42
C TRP A 204 -22.97 -35.32 15.35
N ALA A 205 -22.93 -34.14 14.76
CA ALA A 205 -23.81 -33.78 13.64
C ALA A 205 -23.00 -32.90 12.69
N LEU A 206 -22.61 -33.46 11.55
CA LEU A 206 -21.72 -32.79 10.61
C LEU A 206 -22.38 -32.67 9.25
N SER A 207 -21.87 -31.72 8.46
CA SER A 207 -22.25 -31.52 7.06
C SER A 207 -23.76 -31.28 6.93
N PHE A 208 -24.22 -30.22 7.60
CA PHE A 208 -25.62 -29.83 7.54
C PHE A 208 -25.73 -28.34 7.22
N TYR A 209 -26.80 -28.00 6.50
CA TYR A 209 -27.13 -26.64 6.11
C TYR A 209 -28.65 -26.56 6.01
N PRO A 210 -29.28 -25.49 6.52
CA PRO A 210 -28.68 -24.32 7.19
C PRO A 210 -28.16 -24.60 8.59
N ALA A 211 -27.73 -23.54 9.29
CA ALA A 211 -27.06 -23.69 10.58
C ALA A 211 -28.03 -24.04 11.70
N GLU A 212 -29.31 -23.69 11.56
CA GLU A 212 -30.27 -23.95 12.63
C GLU A 212 -30.41 -25.45 12.88
N ILE A 213 -30.13 -25.86 14.11
CA ILE A 213 -30.18 -27.27 14.48
C ILE A 213 -30.37 -27.35 15.99
N THR A 214 -30.95 -28.45 16.45
CA THR A 214 -31.22 -28.66 17.87
C THR A 214 -30.75 -30.05 18.27
N LEU A 215 -29.93 -30.11 19.32
CA LEU A 215 -29.39 -31.37 19.83
C LEU A 215 -29.94 -31.60 21.23
N THR A 216 -30.74 -32.64 21.38
CA THR A 216 -31.39 -32.96 22.65
C THR A 216 -30.90 -34.31 23.16
N TRP A 217 -30.77 -34.41 24.48
CA TRP A 217 -30.40 -35.65 25.15
C TRP A 217 -31.59 -36.18 25.93
N GLN A 218 -31.85 -37.48 25.82
CA GLN A 218 -32.94 -38.13 26.51
C GLN A 218 -32.45 -39.39 27.20
N ARG A 219 -33.15 -39.76 28.28
CA ARG A 219 -32.85 -40.97 29.04
C ARG A 219 -34.16 -41.68 29.33
N ASP A 220 -34.31 -42.90 28.82
CA ASP A 220 -35.56 -43.66 28.94
C ASP A 220 -36.74 -42.89 28.36
N GLY A 221 -36.47 -42.01 27.41
CA GLY A 221 -37.52 -41.19 26.84
C GLY A 221 -37.84 -39.92 27.59
N GLU A 222 -36.94 -39.46 28.46
CA GLU A 222 -37.14 -38.24 29.23
C GLU A 222 -35.93 -37.33 29.07
N ASP A 223 -36.19 -36.04 28.88
CA ASP A 223 -35.11 -35.09 28.67
C ASP A 223 -34.20 -35.02 29.89
N GLN A 224 -32.90 -34.87 29.63
CA GLN A 224 -31.90 -34.75 30.69
C GLN A 224 -30.98 -33.59 30.36
N THR A 225 -31.12 -32.49 31.11
CA THR A 225 -30.28 -31.32 30.92
C THR A 225 -29.02 -31.37 31.77
N GLN A 226 -29.07 -32.08 32.90
CA GLN A 226 -27.90 -32.20 33.76
C GLN A 226 -26.82 -33.03 33.09
N ASP A 227 -25.56 -32.70 33.42
CA ASP A 227 -24.39 -33.45 32.96
C ASP A 227 -24.28 -33.47 31.43
N THR A 228 -24.68 -32.39 30.78
CA THR A 228 -24.64 -32.27 29.33
C THR A 228 -23.85 -31.04 28.94
N GLU A 229 -22.97 -31.20 27.95
CA GLU A 229 -22.17 -30.10 27.41
C GLU A 229 -22.53 -29.92 25.94
N LEU A 230 -23.04 -28.74 25.60
CA LEU A 230 -23.42 -28.40 24.24
C LEU A 230 -22.55 -27.25 23.75
N VAL A 231 -22.00 -27.38 22.55
CA VAL A 231 -21.13 -26.38 21.97
C VAL A 231 -21.87 -25.71 20.82
N GLU A 232 -21.56 -24.44 20.59
CA GLU A 232 -22.25 -23.68 19.56
C GLU A 232 -21.85 -24.16 18.16
N THR A 233 -22.70 -23.83 17.20
CA THR A 233 -22.49 -24.29 15.83
C THR A 233 -21.24 -23.67 15.22
N ARG A 234 -20.44 -24.52 14.55
CA ARG A 234 -19.18 -24.12 13.95
C ARG A 234 -19.27 -24.14 12.44
N PRO A 235 -18.75 -23.13 11.75
CA PRO A 235 -18.68 -23.18 10.28
C PRO A 235 -17.54 -24.09 9.83
N ALA A 236 -17.87 -25.06 8.98
CA ALA A 236 -16.86 -26.00 8.50
C ALA A 236 -15.92 -25.37 7.49
N GLY A 237 -16.35 -24.32 6.79
CA GLY A 237 -15.63 -23.78 5.66
C GLY A 237 -16.02 -24.39 4.33
N ASP A 238 -16.64 -25.57 4.35
CA ASP A 238 -17.19 -26.23 3.18
C ASP A 238 -18.52 -25.62 2.74
N GLY A 239 -18.94 -24.52 3.35
CA GLY A 239 -20.27 -24.01 3.17
C GLY A 239 -21.31 -24.65 4.06
N THR A 240 -20.92 -25.63 4.87
CA THR A 240 -21.78 -26.32 5.81
C THR A 240 -21.33 -26.03 7.23
N PHE A 241 -22.07 -26.58 8.20
CA PHE A 241 -21.83 -26.27 9.61
C PHE A 241 -21.67 -27.57 10.40
N GLN A 242 -21.10 -27.42 11.60
CA GLN A 242 -20.83 -28.54 12.50
C GLN A 242 -21.30 -28.19 13.90
N LYS A 243 -21.73 -29.21 14.65
CA LYS A 243 -22.17 -29.04 16.02
C LYS A 243 -22.26 -30.41 16.68
N TRP A 244 -21.92 -30.45 17.97
CA TRP A 244 -22.01 -31.68 18.74
C TRP A 244 -22.45 -31.37 20.16
N ALA A 245 -23.00 -32.39 20.82
CA ALA A 245 -23.43 -32.30 22.21
C ALA A 245 -23.05 -33.58 22.93
N ALA A 246 -22.50 -33.45 24.13
CA ALA A 246 -21.99 -34.58 24.89
C ALA A 246 -22.74 -34.73 26.20
N VAL A 247 -22.48 -35.85 26.87
CA VAL A 247 -23.06 -36.15 28.18
C VAL A 247 -22.18 -37.19 28.87
N VAL A 248 -21.88 -36.95 30.14
CA VAL A 248 -21.12 -37.92 30.94
C VAL A 248 -22.10 -38.94 31.51
N VAL A 249 -21.77 -40.22 31.35
CA VAL A 249 -22.70 -41.31 31.65
C VAL A 249 -22.01 -42.33 32.55
N PRO A 250 -22.68 -42.85 33.58
CA PRO A 250 -22.12 -43.98 34.33
C PRO A 250 -21.88 -45.17 33.41
N SER A 251 -20.73 -45.80 33.57
CA SER A 251 -20.31 -46.87 32.68
C SER A 251 -21.23 -48.08 32.82
N GLY A 252 -21.63 -48.64 31.68
CA GLY A 252 -22.44 -49.84 31.65
C GLY A 252 -23.90 -49.63 31.30
N GLN A 253 -24.39 -48.38 31.34
CA GLN A 253 -25.79 -48.11 31.07
C GLN A 253 -25.96 -47.07 29.97
N GLU A 254 -25.06 -47.09 28.99
CA GLU A 254 -25.18 -46.18 27.84
C GLU A 254 -26.32 -46.57 26.91
N GLN A 255 -26.96 -47.72 27.13
CA GLN A 255 -28.07 -48.13 26.29
C GLN A 255 -29.28 -47.22 26.46
N ARG A 256 -29.41 -46.59 27.63
CA ARG A 256 -30.57 -45.78 27.94
C ARG A 256 -30.48 -44.35 27.43
N TYR A 257 -29.27 -43.86 27.17
CA TYR A 257 -29.07 -42.48 26.76
C TYR A 257 -29.21 -42.37 25.25
N THR A 258 -30.14 -41.53 24.81
CA THR A 258 -30.47 -41.37 23.39
C THR A 258 -30.26 -39.93 22.97
N CYS A 259 -29.53 -39.74 21.88
CA CYS A 259 -29.35 -38.42 21.28
C CYS A 259 -30.46 -38.16 20.27
N HIS A 260 -30.74 -36.87 20.05
CA HIS A 260 -31.83 -36.48 19.16
C HIS A 260 -31.39 -35.25 18.36
N VAL A 261 -31.39 -35.37 17.03
CA VAL A 261 -30.98 -34.31 16.14
C VAL A 261 -32.20 -33.84 15.35
N GLN A 262 -32.53 -32.57 15.47
CA GLN A 262 -33.64 -31.96 14.75
C GLN A 262 -33.08 -30.95 13.76
N HIS A 263 -33.49 -31.08 12.50
CA HIS A 263 -32.98 -30.21 11.43
C HIS A 263 -34.06 -30.02 10.39
N GLU A 264 -33.83 -29.05 9.50
CA GLU A 264 -34.78 -28.77 8.42
C GLU A 264 -34.89 -29.94 7.45
N GLY A 265 -33.78 -30.59 7.15
CA GLY A 265 -33.77 -31.70 6.22
C GLY A 265 -34.14 -33.03 6.85
N LEU A 266 -34.81 -32.97 8.00
CA LEU A 266 -35.25 -34.17 8.72
C LEU A 266 -36.71 -34.00 9.13
N PRO A 267 -37.64 -34.63 8.42
CA PRO A 267 -39.06 -34.54 8.84
C PRO A 267 -39.27 -35.04 10.26
N LYS A 268 -38.79 -36.23 10.58
CA LYS A 268 -38.75 -36.72 11.94
C LYS A 268 -37.33 -36.64 12.48
N PRO A 269 -37.16 -36.26 13.75
CA PRO A 269 -35.81 -36.10 14.30
C PRO A 269 -35.08 -37.43 14.36
N LEU A 270 -33.77 -37.38 14.12
CA LEU A 270 -32.95 -38.58 14.20
C LEU A 270 -32.71 -38.97 15.66
N THR A 271 -32.43 -40.25 15.86
CA THR A 271 -32.14 -40.79 17.19
C THR A 271 -30.82 -41.54 17.12
N LEU A 272 -29.84 -41.10 17.92
CA LEU A 272 -28.51 -41.67 17.92
C LEU A 272 -28.26 -42.44 19.22
N ARG A 273 -27.65 -43.61 19.09
CA ARG A 273 -27.29 -44.46 20.22
C ARG A 273 -25.85 -44.90 20.04
N TRP A 274 -25.28 -45.47 21.11
CA TRP A 274 -23.92 -46.01 21.02
C TRP A 274 -23.94 -47.41 20.43
N GLU A 275 -24.79 -48.28 20.96
CA GLU A 275 -24.94 -49.63 20.43
C GLU A 275 -26.41 -50.05 20.38
N MET B 1 -16.87 1.44 26.50
CA MET B 1 -16.64 0.40 25.52
C MET B 1 -16.90 -0.98 26.09
N ILE B 2 -17.51 -1.85 25.30
CA ILE B 2 -17.78 -3.23 25.70
C ILE B 2 -16.67 -4.11 25.14
N GLN B 3 -16.02 -4.85 26.03
CA GLN B 3 -14.95 -5.77 25.66
C GLN B 3 -15.33 -7.18 26.09
N ARG B 4 -15.24 -8.13 25.16
CA ARG B 4 -15.68 -9.49 25.40
C ARG B 4 -14.58 -10.47 25.02
N THR B 5 -14.62 -11.65 25.66
CA THR B 5 -13.60 -12.68 25.47
C THR B 5 -13.93 -13.54 24.26
N PRO B 6 -12.99 -13.76 23.34
CA PRO B 6 -13.26 -14.62 22.19
C PRO B 6 -13.36 -16.07 22.61
N LYS B 7 -14.37 -16.75 22.06
CA LYS B 7 -14.56 -18.18 22.28
C LYS B 7 -13.88 -18.94 21.15
N ILE B 8 -12.86 -19.73 21.49
CA ILE B 8 -12.01 -20.39 20.52
C ILE B 8 -12.47 -21.83 20.31
N GLN B 9 -12.53 -22.26 19.05
CA GLN B 9 -12.82 -23.64 18.70
C GLN B 9 -11.83 -24.09 17.63
N VAL B 10 -11.16 -25.21 17.88
CA VAL B 10 -10.19 -25.77 16.94
C VAL B 10 -10.71 -27.13 16.49
N TYR B 11 -10.79 -27.33 15.18
CA TYR B 11 -11.39 -28.54 14.62
C TYR B 11 -10.98 -28.65 13.16
N SER B 12 -11.27 -29.82 12.57
CA SER B 12 -11.03 -30.08 11.17
C SER B 12 -12.33 -29.97 10.38
N ARG B 13 -12.20 -29.59 9.11
CA ARG B 13 -13.38 -29.45 8.25
C ARG B 13 -14.09 -30.79 8.07
N HIS B 14 -13.33 -31.85 7.87
CA HIS B 14 -13.86 -33.21 7.74
C HIS B 14 -13.28 -34.08 8.85
N PRO B 15 -13.92 -35.23 9.15
CA PRO B 15 -13.35 -36.15 10.15
C PRO B 15 -11.90 -36.51 9.84
N ALA B 16 -11.02 -36.27 10.80
CA ALA B 16 -9.60 -36.39 10.55
C ALA B 16 -9.16 -37.85 10.49
N GLU B 17 -8.48 -38.21 9.41
CA GLU B 17 -7.84 -39.50 9.28
C GLU B 17 -6.38 -39.29 8.88
N ASN B 18 -5.51 -40.17 9.36
CA ASN B 18 -4.08 -40.00 9.15
C ASN B 18 -3.71 -40.24 7.69
N GLY B 19 -2.88 -39.35 7.14
CA GLY B 19 -2.39 -39.46 5.80
C GLY B 19 -3.19 -38.70 4.76
N LYS B 20 -4.48 -38.46 5.01
CA LYS B 20 -5.33 -37.75 4.07
C LYS B 20 -5.32 -36.25 4.37
N SER B 21 -5.21 -35.46 3.30
CA SER B 21 -5.19 -34.01 3.46
C SER B 21 -6.54 -33.50 3.92
N ASN B 22 -6.51 -32.55 4.85
CA ASN B 22 -7.72 -31.95 5.40
C ASN B 22 -7.44 -30.47 5.67
N PHE B 23 -8.37 -29.80 6.34
CA PHE B 23 -8.26 -28.38 6.64
C PHE B 23 -8.45 -28.16 8.13
N LEU B 24 -7.56 -27.37 8.74
CA LEU B 24 -7.58 -27.09 10.16
C LEU B 24 -8.22 -25.73 10.39
N ASN B 25 -9.34 -25.72 11.12
CA ASN B 25 -10.11 -24.51 11.34
C ASN B 25 -9.93 -24.01 12.77
N CYS B 26 -9.95 -22.68 12.92
CA CYS B 26 -9.96 -22.03 14.22
C CYS B 26 -11.06 -20.96 14.19
N TYR B 27 -12.16 -21.24 14.87
CA TYR B 27 -13.36 -20.40 14.83
C TYR B 27 -13.46 -19.61 16.12
N VAL B 28 -13.03 -18.34 16.08
CA VAL B 28 -13.19 -17.43 17.21
C VAL B 28 -14.52 -16.70 17.04
N SER B 29 -15.21 -16.46 18.15
CA SER B 29 -16.52 -15.82 18.10
C SER B 29 -16.81 -15.19 19.46
N GLY B 30 -17.72 -14.22 19.43
CA GLY B 30 -18.14 -13.55 20.64
C GLY B 30 -17.10 -12.66 21.27
N PHE B 31 -16.38 -11.87 20.47
CA PHE B 31 -15.31 -11.02 20.96
C PHE B 31 -15.55 -9.58 20.54
N HIS B 32 -14.86 -8.67 21.22
CA HIS B 32 -14.95 -7.23 20.99
C HIS B 32 -13.79 -6.56 21.71
N PRO B 33 -13.09 -5.60 21.08
CA PRO B 33 -13.32 -5.05 19.73
C PRO B 33 -12.81 -5.94 18.60
N SER B 34 -12.68 -5.34 17.41
CA SER B 34 -12.45 -6.11 16.19
C SER B 34 -11.04 -6.70 16.14
N ASP B 35 -10.04 -5.94 16.55
CA ASP B 35 -8.65 -6.35 16.38
C ASP B 35 -8.36 -7.63 17.15
N ILE B 36 -7.83 -8.63 16.44
CA ILE B 36 -7.49 -9.92 17.05
C ILE B 36 -6.45 -10.62 16.20
N GLU B 37 -5.43 -11.18 16.84
CA GLU B 37 -4.37 -11.93 16.16
C GLU B 37 -4.64 -13.42 16.35
N VAL B 38 -4.74 -14.14 15.23
CA VAL B 38 -4.98 -15.58 15.25
C VAL B 38 -3.91 -16.26 14.41
N ASP B 39 -3.26 -17.26 14.98
CA ASP B 39 -2.18 -17.99 14.32
C ASP B 39 -2.39 -19.48 14.50
N LEU B 40 -2.34 -20.23 13.40
CA LEU B 40 -2.42 -21.69 13.45
C LEU B 40 -1.02 -22.26 13.61
N LEU B 41 -0.86 -23.16 14.58
CA LEU B 41 0.44 -23.70 14.94
C LEU B 41 0.51 -25.19 14.62
N LYS B 42 1.65 -25.63 14.10
CA LYS B 42 1.92 -27.03 13.82
C LYS B 42 3.15 -27.44 14.63
N ASN B 43 2.92 -28.22 15.68
CA ASN B 43 3.99 -28.66 16.59
C ASN B 43 4.72 -27.47 17.20
N GLY B 44 3.97 -26.40 17.49
CA GLY B 44 4.50 -25.24 18.15
C GLY B 44 4.97 -24.12 17.24
N GLU B 45 5.19 -24.39 15.96
CA GLU B 45 5.68 -23.40 15.02
C GLU B 45 4.53 -22.79 14.22
N ARG B 46 4.71 -21.53 13.83
CA ARG B 46 3.68 -20.80 13.12
C ARG B 46 3.59 -21.24 11.67
N ILE B 47 2.38 -21.55 11.23
CA ILE B 47 2.12 -21.92 9.84
C ILE B 47 1.89 -20.64 9.02
N GLU B 48 2.67 -20.47 7.97
CA GLU B 48 2.42 -19.37 7.04
C GLU B 48 1.21 -19.69 6.16
N LYS B 49 0.68 -18.64 5.51
CA LYS B 49 -0.41 -18.77 4.55
C LYS B 49 -1.64 -19.41 5.19
N VAL B 50 -2.21 -18.72 6.17
CA VAL B 50 -3.51 -19.08 6.73
C VAL B 50 -4.52 -18.07 6.22
N GLU B 51 -5.67 -18.57 5.78
CA GLU B 51 -6.73 -17.72 5.22
C GLU B 51 -7.86 -17.61 6.22
N HIS B 52 -8.26 -16.39 6.52
CA HIS B 52 -9.36 -16.10 7.43
C HIS B 52 -10.56 -15.57 6.65
N SER B 53 -11.75 -15.80 7.20
CA SER B 53 -12.97 -15.34 6.58
C SER B 53 -13.14 -13.84 6.79
N ASP B 54 -14.28 -13.32 6.33
CA ASP B 54 -14.54 -11.89 6.44
C ASP B 54 -15.13 -11.56 7.81
N LEU B 55 -14.91 -10.32 8.24
CA LEU B 55 -15.33 -9.88 9.57
C LEU B 55 -16.85 -9.67 9.59
N SER B 56 -17.54 -10.51 10.35
CA SER B 56 -18.99 -10.39 10.53
C SER B 56 -19.33 -10.54 12.00
N PHE B 57 -20.51 -10.07 12.38
CA PHE B 57 -20.94 -10.07 13.77
C PHE B 57 -22.34 -10.65 13.89
N SER B 58 -22.70 -11.02 15.11
CA SER B 58 -23.98 -11.64 15.43
C SER B 58 -24.93 -10.60 16.02
N LYS B 59 -26.08 -11.08 16.51
CA LYS B 59 -27.12 -10.17 17.00
C LYS B 59 -26.63 -9.34 18.18
N ASP B 60 -25.81 -9.92 19.06
CA ASP B 60 -25.28 -9.21 20.21
C ASP B 60 -24.07 -8.33 19.87
N TRP B 61 -23.86 -8.05 18.58
CA TRP B 61 -22.81 -7.17 18.08
C TRP B 61 -21.41 -7.73 18.32
N SER B 62 -21.28 -9.04 18.52
CA SER B 62 -19.99 -9.67 18.73
C SER B 62 -19.53 -10.36 17.45
N PHE B 63 -18.25 -10.24 17.14
CA PHE B 63 -17.72 -10.70 15.87
C PHE B 63 -17.40 -12.19 15.91
N TYR B 64 -17.28 -12.78 14.72
CA TYR B 64 -16.88 -14.18 14.58
C TYR B 64 -16.04 -14.33 13.32
N LEU B 65 -14.90 -14.99 13.45
CA LEU B 65 -13.98 -15.22 12.36
C LEU B 65 -13.64 -16.70 12.26
N LEU B 66 -13.18 -17.12 11.08
CA LEU B 66 -12.80 -18.50 10.82
C LEU B 66 -11.43 -18.50 10.15
N TYR B 67 -10.41 -18.98 10.86
CA TYR B 67 -9.06 -19.12 10.34
C TYR B 67 -8.83 -20.58 9.96
N TYR B 68 -8.54 -20.82 8.68
CA TYR B 68 -8.37 -22.18 8.17
C TYR B 68 -7.12 -22.27 7.31
N THR B 69 -6.53 -23.46 7.28
CA THR B 69 -5.40 -23.76 6.42
C THR B 69 -5.48 -25.22 6.02
N GLU B 70 -4.81 -25.55 4.91
CA GLU B 70 -4.75 -26.91 4.42
C GLU B 70 -3.58 -27.63 5.08
N PHE B 71 -3.83 -28.85 5.55
CA PHE B 71 -2.82 -29.62 6.27
C PHE B 71 -3.09 -31.11 6.09
N THR B 72 -2.21 -31.92 6.65
CA THR B 72 -2.36 -33.37 6.64
C THR B 72 -1.96 -33.93 8.00
N PRO B 73 -2.90 -34.53 8.74
CA PRO B 73 -2.60 -34.99 10.09
C PRO B 73 -1.98 -36.38 10.12
N THR B 74 -1.04 -36.56 11.05
CA THR B 74 -0.47 -37.85 11.36
C THR B 74 -0.84 -38.23 12.79
N GLU B 75 -0.29 -39.35 13.27
CA GLU B 75 -0.63 -39.81 14.62
C GLU B 75 -0.06 -38.89 15.68
N LYS B 76 1.20 -38.49 15.54
CA LYS B 76 1.89 -37.72 16.55
C LYS B 76 2.28 -36.33 16.03
N ASP B 77 1.35 -35.67 15.35
CA ASP B 77 1.51 -34.28 14.94
C ASP B 77 0.54 -33.42 15.74
N GLU B 78 1.07 -32.53 16.55
CA GLU B 78 0.26 -31.65 17.39
C GLU B 78 -0.06 -30.37 16.64
N TYR B 79 -1.35 -30.04 16.56
CA TYR B 79 -1.81 -28.80 15.95
C TYR B 79 -2.58 -27.99 16.99
N ALA B 80 -2.48 -26.67 16.90
CA ALA B 80 -3.10 -25.80 17.87
C ALA B 80 -3.34 -24.43 17.23
N CYS B 81 -4.18 -23.64 17.89
CA CYS B 81 -4.51 -22.28 17.46
C CYS B 81 -4.16 -21.31 18.59
N ARG B 82 -3.50 -20.21 18.23
CA ARG B 82 -3.06 -19.21 19.19
C ARG B 82 -3.76 -17.89 18.89
N VAL B 83 -4.59 -17.44 19.83
CA VAL B 83 -5.34 -16.19 19.67
C VAL B 83 -4.76 -15.16 20.61
N ASN B 84 -4.87 -13.89 20.22
CA ASN B 84 -4.36 -12.78 21.00
C ASN B 84 -5.34 -11.62 20.91
N HIS B 85 -5.85 -11.17 22.04
CA HIS B 85 -6.84 -10.11 22.09
C HIS B 85 -6.52 -9.19 23.25
N VAL B 86 -7.14 -8.00 23.24
CA VAL B 86 -6.99 -7.08 24.37
C VAL B 86 -7.67 -7.63 25.62
N THR B 87 -8.54 -8.63 25.47
CA THR B 87 -9.16 -9.26 26.63
C THR B 87 -8.16 -10.17 27.35
N LEU B 88 -7.24 -10.78 26.61
CA LEU B 88 -6.29 -11.73 27.19
C LEU B 88 -5.03 -11.01 27.62
N SER B 89 -4.57 -11.32 28.83
CA SER B 89 -3.30 -10.76 29.30
C SER B 89 -2.12 -11.37 28.57
N GLN B 90 -2.22 -12.63 28.18
CA GLN B 90 -1.25 -13.30 27.34
C GLN B 90 -2.00 -14.17 26.34
N PRO B 91 -1.40 -14.47 25.19
CA PRO B 91 -2.10 -15.26 24.18
C PRO B 91 -2.50 -16.64 24.71
N LYS B 92 -3.73 -17.05 24.41
CA LYS B 92 -4.26 -18.34 24.82
C LYS B 92 -4.09 -19.33 23.68
N ILE B 93 -3.59 -20.53 24.00
CA ILE B 93 -3.36 -21.58 23.02
C ILE B 93 -4.35 -22.71 23.29
N VAL B 94 -5.06 -23.12 22.24
CA VAL B 94 -6.02 -24.22 22.31
C VAL B 94 -5.54 -25.32 21.38
N LYS B 95 -5.24 -26.49 21.94
CA LYS B 95 -4.78 -27.60 21.12
C LYS B 95 -5.94 -28.24 20.38
N TRP B 96 -5.61 -28.90 19.27
CA TRP B 96 -6.60 -29.57 18.44
C TRP B 96 -6.73 -31.04 18.86
N ASP B 97 -7.95 -31.45 19.14
CA ASP B 97 -8.25 -32.84 19.51
C ASP B 97 -9.05 -33.48 18.38
N ARG B 98 -8.67 -34.71 18.02
CA ARG B 98 -9.37 -35.43 16.97
C ARG B 98 -10.79 -35.83 17.37
N ASP B 99 -11.18 -35.60 18.63
CA ASP B 99 -12.50 -35.97 19.11
C ASP B 99 -13.27 -34.77 19.68
N MET B 100 -12.79 -33.56 19.46
CA MET B 100 -13.49 -32.36 19.92
C MET B 100 -13.54 -31.31 18.81
N ILE C 1 -28.64 -6.70 -3.42
CA ILE C 1 -28.34 -5.29 -3.58
C ILE C 1 -28.32 -4.61 -2.20
N MET C 2 -27.46 -3.61 -2.03
CA MET C 2 -27.39 -2.89 -0.77
C MET C 2 -28.41 -1.75 -0.74
N ASP C 3 -28.57 -1.15 0.44
CA ASP C 3 -29.52 -0.08 0.67
C ASP C 3 -28.98 1.24 0.12
N GLN C 4 -29.82 2.27 0.17
CA GLN C 4 -29.37 3.62 -0.12
C GLN C 4 -28.24 4.01 0.83
N VAL C 5 -27.43 4.97 0.38
CA VAL C 5 -26.34 5.51 1.19
C VAL C 5 -26.92 6.00 2.51
N PRO C 6 -26.34 5.63 3.64
CA PRO C 6 -27.00 5.87 4.93
C PRO C 6 -26.94 7.33 5.35
N PHE C 7 -27.77 7.65 6.34
CA PHE C 7 -27.74 8.96 6.97
C PHE C 7 -26.66 8.99 8.04
N SER C 8 -25.92 10.10 8.09
CA SER C 8 -24.93 10.29 9.14
C SER C 8 -25.62 10.64 10.45
N VAL C 9 -25.12 10.05 11.54
CA VAL C 9 -25.68 10.31 12.86
C VAL C 9 -25.27 11.70 13.33
N GLN D 2 15.16 29.12 -34.20
CA GLN D 2 15.83 28.83 -32.94
C GLN D 2 14.97 29.29 -31.76
N LYS D 3 15.51 29.13 -30.55
CA LYS D 3 14.82 29.56 -29.35
C LYS D 3 15.21 30.98 -28.98
N GLU D 4 14.39 31.60 -28.13
CA GLU D 4 14.67 32.95 -27.66
C GLU D 4 15.92 33.00 -26.78
N VAL D 5 16.28 31.89 -26.14
CA VAL D 5 17.47 31.81 -25.29
C VAL D 5 18.16 30.48 -25.57
N GLU D 6 19.40 30.52 -26.02
CA GLU D 6 20.16 29.33 -26.37
C GLU D 6 21.35 29.16 -25.43
N GLN D 7 21.69 27.90 -25.17
CA GLN D 7 22.88 27.58 -24.38
C GLN D 7 23.27 26.14 -24.67
N ASN D 8 24.58 25.88 -24.60
CA ASN D 8 25.13 24.56 -24.92
C ASN D 8 24.67 23.56 -23.88
N SER D 9 23.72 22.69 -24.27
CA SER D 9 23.18 21.70 -23.34
C SER D 9 24.16 20.56 -23.06
N GLY D 10 25.21 20.42 -23.88
CA GLY D 10 26.19 19.38 -23.70
C GLY D 10 26.83 19.41 -22.33
N PRO D 11 27.02 18.24 -21.73
CA PRO D 11 27.58 18.18 -20.36
C PRO D 11 29.01 18.71 -20.32
N LEU D 12 29.21 19.77 -19.55
CA LEU D 12 30.51 20.38 -19.37
C LEU D 12 31.13 19.89 -18.07
N SER D 13 32.43 19.63 -18.10
CA SER D 13 33.17 19.15 -16.93
C SER D 13 34.23 20.16 -16.55
N VAL D 14 34.44 20.33 -15.25
CA VAL D 14 35.45 21.25 -14.73
C VAL D 14 36.10 20.60 -13.51
N PRO D 15 37.44 20.61 -13.40
CA PRO D 15 38.09 20.02 -12.24
C PRO D 15 37.71 20.73 -10.95
N GLU D 16 37.81 19.98 -9.84
CA GLU D 16 37.50 20.54 -8.53
C GLU D 16 38.49 21.62 -8.16
N GLY D 17 37.99 22.76 -7.69
CA GLY D 17 38.81 23.90 -7.37
C GLY D 17 39.05 24.85 -8.53
N ALA D 18 38.80 24.41 -9.76
CA ALA D 18 38.98 25.27 -10.93
C ALA D 18 37.78 26.19 -11.09
N ILE D 19 37.73 26.93 -12.20
CA ILE D 19 36.67 27.88 -12.47
C ILE D 19 35.81 27.34 -13.61
N ALA D 20 34.51 27.25 -13.36
CA ALA D 20 33.55 26.81 -14.36
C ALA D 20 32.95 28.02 -15.06
N SER D 21 32.87 27.96 -16.39
CA SER D 21 32.36 29.06 -17.20
C SER D 21 31.16 28.56 -18.01
N LEU D 22 29.96 28.87 -17.54
CA LEU D 22 28.73 28.53 -18.24
C LEU D 22 28.27 29.73 -19.04
N ASN D 23 28.08 29.54 -20.35
CA ASN D 23 27.70 30.60 -21.25
C ASN D 23 26.25 30.46 -21.66
N CYS D 24 25.67 31.56 -22.14
CA CYS D 24 24.27 31.60 -22.52
C CYS D 24 24.05 32.78 -23.46
N THR D 25 23.40 32.52 -24.59
CA THR D 25 23.04 33.55 -25.55
C THR D 25 21.52 33.61 -25.69
N TYR D 26 21.02 34.75 -26.17
CA TYR D 26 19.59 34.97 -26.28
C TYR D 26 19.29 35.80 -27.53
N SER D 27 18.01 35.83 -27.89
CA SER D 27 17.50 36.68 -28.95
C SER D 27 16.83 37.90 -28.33
N ASP D 28 17.26 39.09 -28.74
CA ASP D 28 16.76 40.32 -28.13
C ASP D 28 15.27 40.49 -28.38
N ARG D 29 14.47 40.36 -27.32
CA ARG D 29 13.04 40.58 -27.33
C ARG D 29 12.68 41.75 -26.44
N GLY D 30 13.47 42.83 -26.52
CA GLY D 30 13.43 43.84 -25.48
C GLY D 30 13.93 43.29 -24.16
N SER D 31 14.94 42.42 -24.22
CA SER D 31 15.41 41.73 -23.03
C SER D 31 16.13 42.70 -22.10
N GLN D 32 15.78 42.65 -20.81
CA GLN D 32 16.27 43.63 -19.86
C GLN D 32 16.84 43.00 -18.60
N SER D 33 16.27 41.88 -18.17
CA SER D 33 16.66 41.21 -16.94
C SER D 33 17.15 39.80 -17.27
N PHE D 34 18.23 39.40 -16.60
CA PHE D 34 18.90 38.14 -16.90
C PHE D 34 19.18 37.41 -15.59
N PHE D 35 18.83 36.13 -15.54
CA PHE D 35 18.89 35.36 -14.32
C PHE D 35 19.58 34.02 -14.56
N TRP D 36 20.03 33.40 -13.47
CA TRP D 36 20.63 32.08 -13.50
C TRP D 36 19.95 31.22 -12.44
N TYR D 37 19.45 30.06 -12.85
CA TYR D 37 18.82 29.10 -11.95
C TYR D 37 19.68 27.86 -11.84
N ARG D 38 19.71 27.27 -10.65
CA ARG D 38 20.39 26.00 -10.40
C ARG D 38 19.35 24.95 -10.08
N GLN D 39 19.44 23.80 -10.75
CA GLN D 39 18.47 22.73 -10.58
C GLN D 39 19.23 21.41 -10.41
N TYR D 40 19.14 20.84 -9.21
CA TYR D 40 19.71 19.52 -8.97
C TYR D 40 18.80 18.45 -9.57
N SER D 41 19.38 17.26 -9.76
CA SER D 41 18.64 16.17 -10.38
C SER D 41 17.45 15.76 -9.53
N GLY D 42 16.25 15.94 -10.08
CA GLY D 42 15.03 15.53 -9.42
C GLY D 42 14.32 16.62 -8.63
N LYS D 43 14.93 17.79 -8.47
CA LYS D 43 14.36 18.87 -7.69
C LYS D 43 14.06 20.07 -8.60
N SER D 44 13.60 21.16 -7.97
CA SER D 44 13.13 22.38 -8.63
C SER D 44 14.28 23.34 -8.89
N PRO D 45 14.17 24.15 -9.94
CA PRO D 45 15.20 25.16 -10.21
C PRO D 45 15.24 26.22 -9.11
N GLU D 46 16.42 26.44 -8.55
CA GLU D 46 16.62 27.41 -7.48
C GLU D 46 17.26 28.66 -8.05
N LEU D 47 16.62 29.82 -7.85
CA LEU D 47 17.19 31.08 -8.31
C LEU D 47 18.44 31.40 -7.51
N ILE D 48 19.56 31.58 -8.21
CA ILE D 48 20.84 31.82 -7.55
C ILE D 48 21.51 33.11 -8.00
N MET D 49 21.11 33.71 -9.11
CA MET D 49 21.80 34.88 -9.61
C MET D 49 20.85 35.75 -10.42
N SER D 50 21.13 37.05 -10.44
CA SER D 50 20.30 38.02 -11.15
C SER D 50 21.13 39.26 -11.42
N ILE D 51 21.19 39.67 -12.69
CA ILE D 51 21.93 40.86 -13.10
C ILE D 51 21.05 41.67 -14.03
N TYR D 52 21.27 43.00 -14.02
CA TYR D 52 20.41 43.90 -14.78
C TYR D 52 21.17 44.93 -15.61
N SER D 53 22.48 45.11 -15.41
CA SER D 53 23.28 46.05 -16.17
C SER D 53 24.55 45.37 -16.64
N ASN D 54 25.21 46.00 -17.61
CA ASN D 54 26.45 45.45 -18.16
C ASN D 54 27.56 45.53 -17.13
N GLY D 55 28.36 44.46 -17.05
CA GLY D 55 29.45 44.35 -16.13
C GLY D 55 29.37 43.05 -15.35
N ASP D 56 30.06 43.01 -14.22
CA ASP D 56 30.12 41.83 -13.37
C ASP D 56 29.40 42.10 -12.05
N LYS D 57 28.68 41.10 -11.56
CA LYS D 57 28.00 41.17 -10.27
C LYS D 57 28.42 39.95 -9.45
N GLU D 58 29.11 40.20 -8.34
CA GLU D 58 29.65 39.13 -7.51
C GLU D 58 28.73 38.85 -6.33
N ASP D 59 28.55 37.56 -6.04
CA ASP D 59 27.77 37.12 -4.88
C ASP D 59 28.15 35.69 -4.58
N GLY D 60 28.76 35.45 -3.43
CA GLY D 60 29.19 34.10 -3.10
C GLY D 60 30.39 33.68 -3.93
N ARG D 61 30.40 32.41 -4.32
CA ARG D 61 31.49 31.85 -5.11
C ARG D 61 31.25 31.95 -6.61
N PHE D 62 30.21 32.65 -7.04
CA PHE D 62 29.93 32.80 -8.46
C PHE D 62 29.64 34.27 -8.79
N THR D 63 29.91 34.63 -10.05
CA THR D 63 29.71 35.98 -10.54
C THR D 63 28.86 35.94 -11.80
N ALA D 64 28.01 36.94 -11.96
CA ALA D 64 27.17 37.08 -13.16
C ALA D 64 27.77 38.16 -14.04
N GLN D 65 28.14 37.79 -15.26
CA GLN D 65 28.68 38.71 -16.25
C GLN D 65 27.67 38.91 -17.37
N LEU D 66 27.35 40.16 -17.66
CA LEU D 66 26.33 40.50 -18.64
C LEU D 66 26.88 41.46 -19.68
N ASN D 67 26.71 41.11 -20.95
CA ASN D 67 26.96 42.01 -22.07
C ASN D 67 25.67 42.09 -22.90
N LYS D 68 25.22 43.32 -23.16
CA LYS D 68 24.01 43.51 -23.95
C LYS D 68 24.29 43.89 -25.40
N ALA D 69 25.46 44.48 -25.69
CA ALA D 69 25.82 44.74 -27.08
C ALA D 69 25.87 43.45 -27.88
N SER D 70 26.63 42.47 -27.38
CA SER D 70 26.58 41.11 -27.89
C SER D 70 25.66 40.30 -27.00
N GLN D 71 24.67 39.63 -27.60
CA GLN D 71 23.64 38.94 -26.84
C GLN D 71 24.26 37.70 -26.19
N TYR D 72 24.69 37.84 -24.94
CA TYR D 72 25.20 36.70 -24.18
C TYR D 72 25.34 37.11 -22.71
N VAL D 73 25.07 36.15 -21.82
CA VAL D 73 25.27 36.31 -20.40
C VAL D 73 25.94 35.04 -19.87
N SER D 74 26.88 35.20 -18.96
CA SER D 74 27.69 34.09 -18.46
C SER D 74 27.56 33.96 -16.95
N LEU D 75 28.09 32.86 -16.43
CA LEU D 75 28.11 32.59 -15.00
C LEU D 75 29.42 31.88 -14.67
N LEU D 76 30.32 32.57 -14.00
CA LEU D 76 31.59 32.00 -13.57
C LEU D 76 31.47 31.50 -12.14
N ILE D 77 31.94 30.29 -11.88
CA ILE D 77 31.88 29.67 -10.56
C ILE D 77 33.30 29.37 -10.11
N ARG D 78 33.67 29.89 -8.94
CA ARG D 78 34.99 29.68 -8.37
C ARG D 78 34.95 28.52 -7.37
N ASP D 79 36.11 27.88 -7.20
CA ASP D 79 36.28 26.80 -6.23
C ASP D 79 35.19 25.73 -6.39
N SER D 80 35.21 25.09 -7.55
CA SER D 80 34.17 24.12 -7.91
C SER D 80 34.10 23.00 -6.89
N GLN D 81 32.97 22.91 -6.20
CA GLN D 81 32.71 21.92 -5.17
C GLN D 81 31.77 20.84 -5.69
N PRO D 82 31.78 19.65 -5.11
CA PRO D 82 30.84 18.60 -5.53
C PRO D 82 29.39 19.02 -5.45
N SER D 83 29.05 19.98 -4.57
CA SER D 83 27.68 20.47 -4.48
C SER D 83 27.30 21.38 -5.64
N ASP D 84 28.24 21.70 -6.53
CA ASP D 84 27.95 22.52 -7.71
C ASP D 84 27.52 21.70 -8.91
N SER D 85 27.62 20.37 -8.84
CA SER D 85 27.24 19.50 -9.95
C SER D 85 25.73 19.52 -10.10
N ALA D 86 25.24 20.26 -11.09
CA ALA D 86 23.83 20.34 -11.40
C ALA D 86 23.70 21.01 -12.77
N THR D 87 22.47 21.03 -13.29
CA THR D 87 22.20 21.72 -14.54
C THR D 87 21.77 23.16 -14.23
N TYR D 88 22.43 24.12 -14.85
CA TYR D 88 22.17 25.54 -14.61
C TYR D 88 21.38 26.11 -15.77
N LEU D 89 20.20 26.63 -15.47
CA LEU D 89 19.29 27.15 -16.49
C LEU D 89 19.45 28.66 -16.62
N CYS D 90 19.38 29.13 -17.86
CA CYS D 90 19.50 30.54 -18.19
C CYS D 90 18.10 31.13 -18.35
N ALA D 91 17.88 32.30 -17.76
CA ALA D 91 16.58 32.96 -17.80
C ALA D 91 16.75 34.37 -18.35
N VAL D 92 15.93 34.74 -19.32
CA VAL D 92 15.97 36.06 -19.94
C VAL D 92 14.53 36.53 -20.13
N ASN D 93 14.21 37.69 -19.58
CA ASN D 93 12.87 38.26 -19.73
C ASN D 93 12.72 38.85 -21.12
N ALA D 94 11.47 39.21 -21.46
CA ALA D 94 11.15 39.74 -22.78
C ALA D 94 10.06 40.79 -22.62
N LEU D 95 10.44 42.06 -22.80
CA LEU D 95 9.44 43.13 -22.78
C LEU D 95 8.56 43.09 -24.02
N LEU D 96 9.07 42.55 -25.13
CA LEU D 96 8.26 42.31 -26.32
C LEU D 96 7.45 41.05 -26.06
N GLY D 97 6.19 41.22 -25.69
CA GLY D 97 5.30 40.12 -25.36
C GLY D 97 5.02 39.96 -23.89
N ASN D 98 5.74 40.67 -23.02
CA ASN D 98 5.59 40.55 -21.57
C ASN D 98 5.79 39.11 -21.12
N GLN D 99 6.84 38.48 -21.64
CA GLN D 99 7.09 37.06 -21.45
C GLN D 99 8.34 36.83 -20.62
N PHE D 100 8.56 35.55 -20.28
CA PHE D 100 9.74 35.12 -19.54
C PHE D 100 10.17 33.78 -20.12
N TYR D 101 11.44 33.69 -20.54
CA TYR D 101 11.93 32.55 -21.30
C TYR D 101 13.05 31.85 -20.54
N PHE D 102 13.04 30.52 -20.61
CA PHE D 102 14.06 29.68 -19.98
C PHE D 102 14.85 28.93 -21.05
N GLY D 103 16.15 28.79 -20.82
CA GLY D 103 16.97 27.95 -21.67
C GLY D 103 16.79 26.47 -21.36
N THR D 104 17.39 25.64 -22.21
CA THR D 104 17.30 24.19 -22.01
C THR D 104 18.12 23.72 -20.83
N GLY D 105 19.15 24.48 -20.43
CA GLY D 105 19.97 24.10 -19.31
C GLY D 105 21.28 23.45 -19.71
N THR D 106 22.34 23.70 -18.95
CA THR D 106 23.66 23.13 -19.19
C THR D 106 24.05 22.29 -17.98
N SER D 107 24.24 20.99 -18.19
CA SER D 107 24.58 20.08 -17.11
C SER D 107 26.05 20.25 -16.73
N LEU D 108 26.30 20.65 -15.49
CA LEU D 108 27.65 20.82 -14.98
C LEU D 108 27.97 19.65 -14.05
N THR D 109 29.15 19.06 -14.24
CA THR D 109 29.63 17.97 -13.40
C THR D 109 31.08 18.25 -13.04
N VAL D 110 31.32 18.61 -11.77
CA VAL D 110 32.68 18.79 -11.30
C VAL D 110 33.32 17.43 -11.04
N ILE D 111 34.53 17.25 -11.53
CA ILE D 111 35.23 15.97 -11.43
C ILE D 111 36.27 16.09 -10.33
N PRO D 112 36.36 15.12 -9.41
CA PRO D 112 37.32 15.23 -8.31
C PRO D 112 38.75 14.99 -8.79
N ASN D 113 39.67 15.80 -8.26
CA ASN D 113 41.09 15.63 -8.52
C ASN D 113 41.64 14.63 -7.51
N ILE D 114 41.54 13.34 -7.85
CA ILE D 114 42.00 12.28 -6.97
C ILE D 114 43.41 11.86 -7.38
N GLN D 115 44.26 11.65 -6.39
CA GLN D 115 45.64 11.27 -6.61
C GLN D 115 45.92 9.94 -5.92
N ASN D 116 47.03 9.31 -6.33
CA ASN D 116 47.38 7.97 -5.89
C ASN D 116 46.21 6.99 -6.01
N PRO D 117 45.67 6.80 -7.22
CA PRO D 117 44.57 5.86 -7.38
C PRO D 117 45.06 4.41 -7.39
N ASP D 118 44.15 3.52 -7.03
CA ASP D 118 44.42 2.08 -7.01
C ASP D 118 43.30 1.36 -7.74
N PRO D 119 43.28 1.43 -9.07
CA PRO D 119 42.18 0.82 -9.82
C PRO D 119 42.13 -0.69 -9.61
N ALA D 120 40.91 -1.20 -9.46
CA ALA D 120 40.68 -2.62 -9.23
C ALA D 120 39.22 -2.91 -9.46
N VAL D 121 38.91 -4.20 -9.63
CA VAL D 121 37.55 -4.68 -9.84
C VAL D 121 37.32 -5.84 -8.87
N TYR D 122 36.56 -5.58 -7.81
CA TYR D 122 36.26 -6.59 -6.81
C TYR D 122 34.89 -7.19 -7.03
N GLN D 123 34.65 -8.35 -6.42
CA GLN D 123 33.37 -9.04 -6.49
C GLN D 123 32.75 -9.07 -5.10
N LEU D 124 31.50 -8.60 -5.01
CA LEU D 124 30.79 -8.51 -3.74
C LEU D 124 29.57 -9.42 -3.79
N ARG D 125 29.57 -10.45 -2.95
CA ARG D 125 28.45 -11.38 -2.90
C ARG D 125 27.39 -10.89 -1.91
N ASP D 126 26.19 -11.43 -2.06
CA ASP D 126 25.05 -10.99 -1.25
C ASP D 126 25.29 -11.34 0.23
N SER D 127 24.94 -10.39 1.10
CA SER D 127 25.08 -10.62 2.54
C SER D 127 24.15 -11.72 3.03
N LYS D 128 22.97 -11.84 2.42
CA LYS D 128 21.96 -12.81 2.85
C LYS D 128 21.73 -13.91 1.83
N SER D 129 21.56 -13.57 0.55
CA SER D 129 21.35 -14.59 -0.47
C SER D 129 22.58 -15.45 -0.66
N SER D 130 23.76 -14.83 -0.72
CA SER D 130 25.07 -15.46 -0.88
C SER D 130 25.24 -16.14 -2.23
N ASP D 131 24.25 -16.11 -3.10
CA ASP D 131 24.38 -16.66 -4.45
C ASP D 131 24.24 -15.59 -5.53
N LYS D 132 23.97 -14.34 -5.17
CA LYS D 132 24.02 -13.23 -6.10
C LYS D 132 25.41 -12.58 -6.03
N SER D 133 25.80 -11.94 -7.13
CA SER D 133 27.14 -11.38 -7.25
C SER D 133 27.09 -10.06 -8.00
N VAL D 134 27.93 -9.11 -7.57
CA VAL D 134 28.09 -7.83 -8.25
C VAL D 134 29.59 -7.56 -8.37
N CYS D 135 29.94 -6.72 -9.34
CA CYS D 135 31.31 -6.31 -9.58
C CYS D 135 31.45 -4.82 -9.32
N LEU D 136 32.60 -4.42 -8.79
CA LEU D 136 32.84 -3.04 -8.36
C LEU D 136 34.12 -2.52 -8.99
N PHE D 137 33.98 -1.67 -10.00
CA PHE D 137 35.11 -0.92 -10.55
C PHE D 137 35.26 0.36 -9.74
N THR D 138 36.32 0.44 -8.93
CA THR D 138 36.48 1.52 -7.98
C THR D 138 37.92 2.00 -7.98
N ASP D 139 38.12 3.18 -7.37
CA ASP D 139 39.45 3.76 -7.14
C ASP D 139 40.19 4.01 -8.45
N PHE D 140 39.46 4.29 -9.53
CA PHE D 140 40.07 4.68 -10.80
C PHE D 140 40.08 6.20 -10.91
N ASP D 141 40.99 6.70 -11.75
CA ASP D 141 41.19 8.13 -11.84
C ASP D 141 40.09 8.78 -12.67
N SER D 142 40.21 10.11 -12.81
CA SER D 142 39.15 10.91 -13.42
C SER D 142 39.08 10.75 -14.94
N GLN D 143 40.20 10.40 -15.58
CA GLN D 143 40.21 10.26 -17.04
C GLN D 143 39.41 9.04 -17.50
N THR D 144 39.27 8.04 -16.64
CA THR D 144 38.59 6.80 -17.02
C THR D 144 37.08 7.02 -17.08
N ASN D 145 36.45 6.43 -18.10
CA ASN D 145 35.01 6.50 -18.28
C ASN D 145 34.45 5.10 -18.48
N VAL D 146 33.15 4.96 -18.23
CA VAL D 146 32.46 3.69 -18.39
C VAL D 146 31.36 3.86 -19.43
N SER D 147 30.99 2.74 -20.04
CA SER D 147 29.97 2.73 -21.09
C SER D 147 28.93 1.66 -20.77
N GLN D 148 27.77 1.81 -21.40
CA GLN D 148 26.67 0.87 -21.19
C GLN D 148 26.99 -0.48 -21.81
N SER D 149 26.44 -1.53 -21.21
CA SER D 149 26.67 -2.88 -21.71
C SER D 149 25.88 -3.12 -22.99
N LYS D 150 26.50 -3.84 -23.92
CA LYS D 150 25.86 -4.23 -25.16
C LYS D 150 25.01 -5.48 -25.03
N ASP D 151 24.81 -5.98 -23.80
CA ASP D 151 24.01 -7.16 -23.54
C ASP D 151 22.85 -6.80 -22.63
N SER D 152 21.66 -7.30 -22.96
CA SER D 152 20.48 -7.01 -22.16
C SER D 152 20.53 -7.67 -20.79
N ASP D 153 21.39 -8.67 -20.60
CA ASP D 153 21.49 -9.37 -19.33
C ASP D 153 22.49 -8.72 -18.37
N VAL D 154 23.29 -7.77 -18.83
CA VAL D 154 24.31 -7.12 -18.01
C VAL D 154 23.92 -5.65 -17.84
N TYR D 155 24.03 -5.16 -16.60
CA TYR D 155 23.67 -3.80 -16.26
C TYR D 155 24.89 -3.07 -15.73
N ILE D 156 25.13 -1.86 -16.27
CA ILE D 156 26.28 -1.05 -15.88
C ILE D 156 25.77 0.32 -15.44
N THR D 157 26.40 0.85 -14.38
CA THR D 157 26.11 2.19 -13.90
C THR D 157 27.29 3.11 -14.18
N ASP D 158 27.02 4.41 -14.20
CA ASP D 158 28.04 5.40 -14.50
C ASP D 158 28.96 5.60 -13.30
N LYS D 159 29.86 6.58 -13.39
CA LYS D 159 30.77 6.87 -12.29
C LYS D 159 30.01 7.48 -11.13
N CYS D 160 30.68 7.51 -9.97
CA CYS D 160 30.09 8.07 -8.76
C CYS D 160 31.21 8.41 -7.79
N VAL D 161 31.18 9.60 -7.24
CA VAL D 161 32.24 10.13 -6.38
C VAL D 161 31.73 10.07 -4.94
N LEU D 162 32.23 9.10 -4.17
CA LEU D 162 31.92 9.01 -2.76
C LEU D 162 33.00 9.73 -1.95
N ASP D 163 32.57 10.44 -0.92
CA ASP D 163 33.46 11.26 -0.10
C ASP D 163 33.45 10.71 1.33
N MET D 164 34.58 10.17 1.76
CA MET D 164 34.76 9.75 3.15
C MET D 164 35.36 10.93 3.90
N ARG D 165 34.53 11.64 4.67
CA ARG D 165 35.02 12.77 5.43
C ARG D 165 35.83 12.35 6.65
N SER D 166 35.83 11.07 7.02
CA SER D 166 36.75 10.58 8.04
C SER D 166 38.19 10.77 7.59
N MET D 167 38.50 10.35 6.36
CA MET D 167 39.78 10.62 5.73
C MET D 167 39.65 11.88 4.86
N ASP D 168 40.67 12.15 4.05
CA ASP D 168 40.66 13.33 3.21
C ASP D 168 40.78 12.95 1.74
N PHE D 169 40.01 11.97 1.29
CA PHE D 169 40.08 11.50 -0.08
C PHE D 169 38.70 11.13 -0.58
N LYS D 170 38.52 11.25 -1.90
CA LYS D 170 37.34 10.77 -2.60
C LYS D 170 37.75 9.68 -3.56
N SER D 171 36.77 8.86 -3.96
CA SER D 171 37.05 7.73 -4.84
C SER D 171 35.89 7.51 -5.81
N ASN D 172 36.21 7.48 -7.10
CA ASN D 172 35.23 7.12 -8.11
C ASN D 172 34.95 5.63 -8.04
N SER D 173 33.72 5.25 -8.37
CA SER D 173 33.33 3.84 -8.27
C SER D 173 32.09 3.59 -9.12
N ALA D 174 32.06 2.44 -9.78
CA ALA D 174 30.92 1.97 -10.54
C ALA D 174 30.66 0.51 -10.21
N VAL D 175 29.48 0.03 -10.59
CA VAL D 175 29.05 -1.33 -10.24
C VAL D 175 28.46 -1.99 -11.48
N ALA D 176 28.77 -3.27 -11.65
CA ALA D 176 28.26 -4.07 -12.75
C ALA D 176 27.72 -5.39 -12.19
N TRP D 177 26.49 -5.74 -12.57
CA TRP D 177 25.88 -6.97 -12.11
C TRP D 177 25.02 -7.56 -13.23
N SER D 178 24.83 -8.88 -13.18
CA SER D 178 24.08 -9.58 -14.20
C SER D 178 23.46 -10.84 -13.59
N ASN D 179 22.45 -11.37 -14.28
CA ASN D 179 21.78 -12.60 -13.91
C ASN D 179 22.28 -13.79 -14.72
N LYS D 180 23.44 -13.65 -15.37
CA LYS D 180 23.95 -14.73 -16.22
C LYS D 180 24.30 -15.98 -15.42
N SER D 181 24.69 -15.81 -14.16
CA SER D 181 25.13 -16.90 -13.28
C SER D 181 26.34 -17.64 -13.84
N ASP D 182 27.03 -17.05 -14.81
CA ASP D 182 28.29 -17.55 -15.32
C ASP D 182 29.32 -16.45 -15.49
N PHE D 183 28.99 -15.23 -15.07
CA PHE D 183 29.76 -14.04 -15.42
C PHE D 183 30.91 -13.81 -14.45
N ALA D 184 32.07 -13.49 -15.00
CA ALA D 184 33.24 -13.11 -14.24
C ALA D 184 33.52 -11.63 -14.45
N CYS D 185 33.95 -10.94 -13.38
CA CYS D 185 34.05 -9.49 -13.39
C CYS D 185 35.00 -8.94 -14.46
N ALA D 186 35.78 -9.80 -15.12
CA ALA D 186 36.70 -9.36 -16.16
C ALA D 186 36.05 -9.34 -17.55
N ASN D 187 34.71 -9.31 -17.61
CA ASN D 187 34.01 -9.38 -18.88
C ASN D 187 33.07 -8.21 -19.13
N ALA D 188 32.59 -7.51 -18.10
CA ALA D 188 31.67 -6.40 -18.32
C ALA D 188 32.42 -5.12 -18.69
N PHE D 189 33.43 -4.77 -17.90
CA PHE D 189 34.19 -3.53 -18.10
C PHE D 189 35.10 -3.58 -19.32
N ASN D 190 35.05 -4.64 -20.12
CA ASN D 190 35.79 -4.67 -21.38
C ASN D 190 35.28 -3.64 -22.37
N ASN D 191 33.98 -3.32 -22.31
CA ASN D 191 33.43 -2.30 -23.19
C ASN D 191 34.05 -0.93 -22.93
N SER D 192 34.37 -0.63 -21.68
CA SER D 192 34.95 0.65 -21.31
C SER D 192 36.47 0.62 -21.49
N ILE D 193 37.07 1.80 -21.44
CA ILE D 193 38.52 1.93 -21.56
C ILE D 193 39.13 1.68 -20.18
N ILE D 194 39.84 0.56 -20.05
CA ILE D 194 40.44 0.18 -18.77
C ILE D 194 41.85 0.78 -18.70
N PRO D 195 42.22 1.41 -17.57
CA PRO D 195 43.52 2.08 -17.50
C PRO D 195 44.72 1.14 -17.43
N GLU D 196 44.50 -0.17 -17.44
CA GLU D 196 45.56 -1.19 -17.46
C GLU D 196 46.31 -1.24 -16.14
N ASP D 197 46.03 -0.31 -15.25
CA ASP D 197 46.59 -0.31 -13.90
C ASP D 197 45.71 -1.07 -12.92
N THR D 198 44.67 -1.73 -13.40
CA THR D 198 43.71 -2.41 -12.54
C THR D 198 44.30 -3.70 -11.98
N PHE D 199 43.72 -4.15 -10.87
CA PHE D 199 44.09 -5.40 -10.21
C PHE D 199 42.86 -6.27 -10.10
N PHE D 200 42.87 -7.41 -10.79
CA PHE D 200 41.76 -8.34 -10.75
C PHE D 200 42.06 -9.46 -9.78
N PRO D 201 41.37 -9.56 -8.65
CA PRO D 201 41.62 -10.65 -7.71
C PRO D 201 41.20 -11.99 -8.31
N SER D 202 41.48 -13.04 -7.53
CA SER D 202 41.20 -14.40 -7.95
C SER D 202 39.68 -14.62 -7.97
N GLY E 2 6.87 30.31 -0.54
CA GLY E 2 5.53 29.98 -0.08
C GLY E 2 4.69 29.29 -1.12
N ILE E 3 5.34 28.83 -2.19
CA ILE E 3 4.65 28.12 -3.27
C ILE E 3 4.70 26.63 -2.98
N THR E 4 3.54 25.98 -3.05
CA THR E 4 3.43 24.56 -2.74
C THR E 4 2.67 23.83 -3.85
N GLN E 5 3.03 22.57 -4.04
CA GLN E 5 2.35 21.68 -4.97
C GLN E 5 2.00 20.38 -4.24
N SER E 6 1.02 19.67 -4.79
CA SER E 6 0.58 18.43 -4.17
C SER E 6 0.00 17.49 -5.22
N PRO E 7 0.41 16.22 -5.22
CA PRO E 7 1.45 15.69 -4.34
C PRO E 7 2.83 15.75 -4.97
N LYS E 8 3.86 15.31 -4.24
CA LYS E 8 5.19 15.25 -4.83
C LYS E 8 5.28 14.14 -5.86
N TYR E 9 4.62 13.02 -5.60
CA TYR E 9 4.59 11.88 -6.52
C TYR E 9 3.14 11.50 -6.76
N LEU E 10 2.74 11.46 -8.03
CA LEU E 10 1.37 11.10 -8.40
C LEU E 10 1.41 10.10 -9.55
N PHE E 11 0.46 9.17 -9.54
CA PHE E 11 0.41 8.09 -10.52
C PHE E 11 -1.04 7.77 -10.84
N ARG E 12 -1.38 7.74 -12.13
CA ARG E 12 -2.75 7.54 -12.58
C ARG E 12 -2.76 6.57 -13.74
N LYS E 13 -3.96 6.11 -14.10
CA LYS E 13 -4.15 5.19 -15.21
C LYS E 13 -4.51 5.95 -16.47
N GLU E 14 -4.12 5.40 -17.62
CA GLU E 14 -4.38 6.05 -18.90
C GLU E 14 -5.87 6.07 -19.20
N GLY E 15 -6.40 7.25 -19.47
CA GLY E 15 -7.80 7.43 -19.80
C GLY E 15 -8.58 8.30 -18.84
N GLN E 16 -8.06 8.59 -17.66
CA GLN E 16 -8.73 9.42 -16.68
C GLN E 16 -8.03 10.75 -16.53
N ASN E 17 -8.69 11.68 -15.83
CA ASN E 17 -8.18 13.03 -15.64
C ASN E 17 -7.47 13.15 -14.30
N VAL E 18 -6.52 14.07 -14.25
CA VAL E 18 -5.76 14.38 -13.04
C VAL E 18 -5.89 15.88 -12.78
N THR E 19 -5.73 16.27 -11.52
CA THR E 19 -5.80 17.67 -11.11
C THR E 19 -4.59 18.00 -10.26
N LEU E 20 -3.56 18.57 -10.86
CA LEU E 20 -2.37 18.98 -10.14
C LEU E 20 -2.60 20.35 -9.53
N SER E 21 -2.55 20.43 -8.19
CA SER E 21 -2.84 21.66 -7.48
C SER E 21 -1.58 22.48 -7.28
N CYS E 22 -1.76 23.80 -7.19
CA CYS E 22 -0.64 24.72 -6.97
C CYS E 22 -1.16 25.91 -6.20
N GLU E 23 -0.72 26.05 -4.95
CA GLU E 23 -1.10 27.17 -4.10
C GLU E 23 0.05 28.16 -4.02
N GLN E 24 -0.30 29.45 -3.92
CA GLN E 24 0.68 30.52 -3.94
C GLN E 24 0.44 31.45 -2.76
N ASN E 25 1.49 31.66 -1.96
CA ASN E 25 1.41 32.49 -0.75
C ASN E 25 2.07 33.85 -0.92
N LEU E 26 2.80 34.08 -2.01
CA LEU E 26 3.57 35.30 -2.20
C LEU E 26 2.74 36.48 -2.68
N ASN E 27 1.44 36.28 -2.93
CA ASN E 27 0.57 37.32 -3.49
C ASN E 27 1.11 37.86 -4.82
N HIS E 28 1.72 36.96 -5.60
CA HIS E 28 2.17 37.29 -6.94
C HIS E 28 0.98 37.31 -7.90
N ASP E 29 1.01 38.25 -8.84
CA ASP E 29 -0.09 38.36 -9.79
C ASP E 29 -0.06 37.25 -10.84
N ALA E 30 1.14 36.82 -11.24
CA ALA E 30 1.28 35.85 -12.32
C ALA E 30 1.64 34.48 -11.77
N MET E 31 1.16 33.44 -12.46
CA MET E 31 1.49 32.06 -12.15
C MET E 31 1.71 31.30 -13.44
N TYR E 32 2.58 30.30 -13.39
CA TYR E 32 3.02 29.57 -14.57
C TYR E 32 2.99 28.07 -14.32
N TRP E 33 2.78 27.32 -15.39
CA TRP E 33 2.81 25.86 -15.35
C TRP E 33 3.72 25.35 -16.44
N TYR E 34 4.71 24.55 -16.07
CA TYR E 34 5.63 23.93 -17.00
C TYR E 34 5.61 22.42 -16.85
N ARG E 35 6.14 21.74 -17.87
CA ARG E 35 6.43 20.32 -17.78
C ARG E 35 7.89 20.12 -18.17
N GLN E 36 8.57 19.21 -17.47
CA GLN E 36 9.99 18.96 -17.68
C GLN E 36 10.19 17.48 -17.99
N ASP E 37 10.51 17.18 -19.23
CA ASP E 37 10.84 15.81 -19.62
C ASP E 37 12.33 15.56 -19.41
N PRO E 38 12.72 14.32 -19.15
CA PRO E 38 14.13 14.05 -18.80
C PRO E 38 15.09 14.44 -19.92
N GLY E 39 15.93 15.42 -19.62
CA GLY E 39 16.96 15.85 -20.55
C GLY E 39 16.48 16.73 -21.68
N GLN E 40 15.32 17.38 -21.53
CA GLN E 40 14.78 18.22 -22.60
C GLN E 40 14.30 19.57 -22.09
N GLY E 41 14.66 19.96 -20.86
CA GLY E 41 14.38 21.29 -20.38
C GLY E 41 12.92 21.52 -20.03
N LEU E 42 12.56 22.79 -19.96
CA LEU E 42 11.23 23.23 -19.57
C LEU E 42 10.42 23.64 -20.79
N ARG E 43 9.10 23.46 -20.69
CA ARG E 43 8.17 23.87 -21.73
C ARG E 43 6.90 24.41 -21.08
N LEU E 44 6.46 25.58 -21.51
CA LEU E 44 5.32 26.25 -20.90
C LEU E 44 4.02 25.60 -21.36
N ILE E 45 3.14 25.31 -20.39
CA ILE E 45 1.84 24.72 -20.66
C ILE E 45 0.73 25.77 -20.61
N TYR E 46 0.63 26.48 -19.49
CA TYR E 46 -0.35 27.54 -19.32
C TYR E 46 0.23 28.59 -18.40
N TYR E 47 -0.25 29.83 -18.54
CA TYR E 47 0.20 30.92 -17.68
C TYR E 47 -0.92 31.94 -17.55
N SER E 48 -0.92 32.64 -16.43
CA SER E 48 -1.89 33.69 -16.16
C SER E 48 -1.16 34.87 -15.53
N GLN E 49 -1.69 36.08 -15.80
CA GLN E 49 -1.13 37.29 -15.23
C GLN E 49 -2.11 38.09 -14.39
N ILE E 50 -3.41 37.90 -14.59
CA ILE E 50 -4.44 38.55 -13.77
C ILE E 50 -5.21 37.47 -13.05
N VAL E 51 -6.18 37.87 -12.23
CA VAL E 51 -6.92 36.90 -11.41
C VAL E 51 -7.68 35.92 -12.28
N ASN E 52 -8.30 36.39 -13.37
CA ASN E 52 -9.14 35.57 -14.20
C ASN E 52 -8.68 35.55 -15.66
N ASP E 53 -7.43 35.91 -15.92
CA ASP E 53 -6.91 35.97 -17.29
C ASP E 53 -5.78 34.95 -17.42
N PHE E 54 -6.09 33.76 -17.94
CA PHE E 54 -5.11 32.75 -18.25
C PHE E 54 -4.96 32.62 -19.77
N GLN E 55 -3.75 32.31 -20.21
CA GLN E 55 -3.44 32.26 -21.63
C GLN E 55 -2.67 30.97 -21.93
N LYS E 56 -2.92 30.43 -23.12
CA LYS E 56 -2.33 29.16 -23.52
C LYS E 56 -0.83 29.31 -23.74
N GLY E 57 -0.09 28.26 -23.41
CA GLY E 57 1.34 28.22 -23.60
C GLY E 57 1.72 27.63 -24.93
N ASP E 58 2.95 27.08 -24.99
CA ASP E 58 3.43 26.48 -26.23
C ASP E 58 2.72 25.15 -26.50
N ILE E 59 2.63 24.30 -25.49
CA ILE E 59 1.99 22.99 -25.62
C ILE E 59 0.81 22.97 -24.64
N ALA E 60 -0.36 23.37 -25.13
CA ALA E 60 -1.59 23.30 -24.35
C ALA E 60 -2.50 22.16 -24.79
N GLU E 61 -2.07 21.34 -25.74
CA GLU E 61 -2.88 20.23 -26.21
C GLU E 61 -3.09 19.22 -25.09
N GLY E 62 -4.35 18.94 -24.78
CA GLY E 62 -4.68 18.00 -23.73
C GLY E 62 -4.66 18.57 -22.32
N TYR E 63 -4.28 19.84 -22.16
CA TYR E 63 -4.23 20.47 -20.86
C TYR E 63 -5.38 21.47 -20.70
N SER E 64 -5.87 21.57 -19.47
CA SER E 64 -6.89 22.55 -19.11
C SER E 64 -6.49 23.19 -17.79
N VAL E 65 -6.85 24.47 -17.64
CA VAL E 65 -6.51 25.22 -16.45
C VAL E 65 -7.63 26.20 -16.14
N SER E 66 -7.71 26.62 -14.89
CA SER E 66 -8.73 27.58 -14.46
C SER E 66 -8.22 28.30 -13.22
N ARG E 67 -7.99 29.60 -13.34
CA ARG E 67 -7.60 30.44 -12.21
C ARG E 67 -8.83 31.23 -11.80
N GLU E 68 -9.62 30.67 -10.88
CA GLU E 68 -10.82 31.35 -10.41
C GLU E 68 -10.50 32.43 -9.38
N LYS E 69 -9.40 32.27 -8.64
CA LYS E 69 -8.97 33.28 -7.68
C LYS E 69 -7.45 33.36 -7.72
N LYS E 70 -6.92 34.42 -7.08
CA LYS E 70 -5.51 34.75 -7.18
C LYS E 70 -4.60 33.72 -6.52
N GLU E 71 -5.11 32.96 -5.55
CA GLU E 71 -4.22 32.13 -4.73
C GLU E 71 -3.82 30.84 -5.42
N SER E 72 -4.75 30.20 -6.14
CA SER E 72 -4.53 28.87 -6.69
C SER E 72 -4.46 28.90 -8.20
N PHE E 73 -3.73 27.93 -8.76
CA PHE E 73 -3.60 27.74 -10.21
C PHE E 73 -3.72 26.26 -10.52
N PRO E 74 -4.93 25.70 -10.39
CA PRO E 74 -5.09 24.25 -10.62
C PRO E 74 -4.99 23.90 -12.10
N LEU E 75 -3.99 23.10 -12.44
CA LEU E 75 -3.82 22.57 -13.78
C LEU E 75 -4.34 21.13 -13.81
N THR E 76 -5.31 20.88 -14.67
CA THR E 76 -5.88 19.54 -14.84
C THR E 76 -5.46 18.99 -16.19
N VAL E 77 -4.82 17.82 -16.19
CA VAL E 77 -4.42 17.15 -17.42
C VAL E 77 -5.51 16.18 -17.82
N THR E 78 -5.70 16.03 -19.13
CA THR E 78 -6.77 15.20 -19.68
C THR E 78 -6.20 14.06 -20.49
N SER E 79 -7.08 13.14 -20.87
CA SER E 79 -6.69 12.02 -21.72
C SER E 79 -6.28 12.45 -23.12
N ALA E 80 -6.59 13.69 -23.52
CA ALA E 80 -6.16 14.19 -24.82
C ALA E 80 -4.66 14.38 -24.90
N GLN E 81 -3.97 14.44 -23.76
CA GLN E 81 -2.52 14.55 -23.76
C GLN E 81 -1.90 13.22 -24.18
N LYS E 82 -1.08 13.25 -25.22
CA LYS E 82 -0.52 12.02 -25.77
C LYS E 82 0.53 11.43 -24.84
N ASN E 83 1.35 12.27 -24.22
CA ASN E 83 2.43 11.83 -23.33
C ASN E 83 2.34 12.62 -22.03
N PRO E 84 1.45 12.23 -21.12
CA PRO E 84 1.29 12.99 -19.87
C PRO E 84 2.45 12.81 -18.89
N THR E 85 3.19 11.71 -18.97
CA THR E 85 4.27 11.44 -18.03
C THR E 85 5.39 12.47 -18.15
N ALA E 86 5.55 13.31 -17.13
CA ALA E 86 6.58 14.34 -17.12
C ALA E 86 6.74 14.85 -15.70
N PHE E 87 7.61 15.83 -15.53
CA PHE E 87 7.84 16.51 -14.25
C PHE E 87 7.18 17.89 -14.36
N TYR E 88 6.03 18.04 -13.72
CA TYR E 88 5.25 19.26 -13.80
C TYR E 88 5.72 20.25 -12.74
N LEU E 89 6.08 21.46 -13.18
CA LEU E 89 6.63 22.50 -12.32
C LEU E 89 5.71 23.71 -12.35
N CYS E 90 5.27 24.16 -11.18
CA CYS E 90 4.45 25.35 -11.05
C CYS E 90 5.30 26.51 -10.55
N ALA E 91 5.18 27.66 -11.20
CA ALA E 91 5.92 28.85 -10.82
C ALA E 91 4.98 30.04 -10.70
N SER E 92 5.44 31.07 -10.00
CA SER E 92 4.67 32.30 -9.83
C SER E 92 5.64 33.47 -9.71
N SER E 93 5.19 34.64 -10.18
CA SER E 93 6.01 35.83 -10.13
C SER E 93 5.12 37.06 -10.16
N MET E 94 5.72 38.20 -9.81
CA MET E 94 4.96 39.43 -9.67
C MET E 94 4.48 39.96 -11.02
N GLY E 95 5.35 39.95 -12.02
CA GLY E 95 4.99 40.41 -13.35
C GLY E 95 5.44 39.42 -14.41
N GLY E 96 4.85 39.56 -15.59
CA GLY E 96 5.17 38.65 -16.68
C GLY E 96 6.64 38.66 -17.05
N THR E 97 7.31 39.81 -16.89
CA THR E 97 8.72 39.96 -17.23
C THR E 97 9.64 39.84 -16.03
N TYR E 98 9.12 39.43 -14.87
CA TYR E 98 9.92 39.35 -13.65
C TYR E 98 10.29 37.90 -13.36
N GLU E 99 11.31 37.74 -12.52
CA GLU E 99 11.85 36.41 -12.24
C GLU E 99 10.84 35.55 -11.49
N GLN E 100 10.82 34.27 -11.82
CA GLN E 100 9.84 33.33 -11.29
C GLN E 100 10.48 32.45 -10.21
N TYR E 101 9.62 31.92 -9.34
CA TYR E 101 10.02 31.01 -8.28
C TYR E 101 9.18 29.74 -8.39
N PHE E 102 9.82 28.59 -8.24
CA PHE E 102 9.18 27.31 -8.50
C PHE E 102 8.79 26.61 -7.20
N GLY E 103 7.71 25.84 -7.27
CA GLY E 103 7.35 24.95 -6.19
C GLY E 103 8.15 23.67 -6.25
N PRO E 104 7.84 22.75 -5.31
CA PRO E 104 8.59 21.49 -5.27
C PRO E 104 8.40 20.62 -6.51
N GLY E 105 7.30 20.77 -7.22
CA GLY E 105 7.10 19.99 -8.44
C GLY E 105 6.37 18.69 -8.17
N THR E 106 5.63 18.24 -9.18
CA THR E 106 4.87 17.00 -9.12
C THR E 106 5.27 16.13 -10.29
N ARG E 107 5.71 14.90 -10.01
CA ARG E 107 6.06 13.94 -11.04
C ARG E 107 4.84 13.05 -11.31
N LEU E 108 4.22 13.24 -12.46
CA LEU E 108 3.09 12.43 -12.89
C LEU E 108 3.57 11.34 -13.84
N THR E 109 3.09 10.12 -13.62
CA THR E 109 3.44 8.98 -14.47
C THR E 109 2.16 8.26 -14.86
N VAL E 110 1.87 8.24 -16.16
CA VAL E 110 0.68 7.59 -16.70
C VAL E 110 1.13 6.38 -17.51
N THR E 111 0.53 5.23 -17.22
CA THR E 111 0.87 3.98 -17.88
C THR E 111 -0.37 3.38 -18.53
N GLU E 112 -0.14 2.45 -19.45
CA GLU E 112 -1.25 1.77 -20.12
C GLU E 112 -2.14 1.05 -19.13
N ASP E 113 -1.53 0.23 -18.27
CA ASP E 113 -2.27 -0.48 -17.22
C ASP E 113 -1.37 -0.57 -15.99
N LEU E 114 -2.02 -0.73 -14.84
CA LEU E 114 -1.31 -0.76 -13.56
C LEU E 114 -0.44 -2.00 -13.38
N LYS E 115 -0.42 -2.92 -14.35
CA LYS E 115 0.36 -4.13 -14.22
C LYS E 115 1.86 -3.88 -14.27
N ASN E 116 2.28 -2.72 -14.78
CA ASN E 116 3.70 -2.41 -14.92
C ASN E 116 4.30 -1.81 -13.65
N VAL E 117 3.55 -1.74 -12.56
CA VAL E 117 4.02 -1.13 -11.33
C VAL E 117 4.56 -2.22 -10.42
N PHE E 118 5.82 -2.07 -10.00
CA PHE E 118 6.49 -3.04 -9.15
C PHE E 118 7.32 -2.31 -8.09
N PRO E 119 7.25 -2.77 -6.84
CA PRO E 119 8.15 -2.23 -5.82
C PRO E 119 9.57 -2.75 -6.04
N PRO E 120 10.58 -2.02 -5.58
CA PRO E 120 11.96 -2.44 -5.85
C PRO E 120 12.38 -3.61 -4.98
N GLU E 121 13.19 -4.49 -5.56
CA GLU E 121 13.83 -5.57 -4.82
C GLU E 121 15.19 -5.06 -4.34
N VAL E 122 15.32 -4.91 -3.02
CA VAL E 122 16.51 -4.29 -2.42
C VAL E 122 17.35 -5.38 -1.78
N ALA E 123 18.65 -5.36 -2.06
CA ALA E 123 19.59 -6.29 -1.46
C ALA E 123 20.93 -5.59 -1.30
N VAL E 124 21.68 -6.01 -0.29
CA VAL E 124 23.01 -5.47 -0.03
C VAL E 124 24.05 -6.55 -0.33
N PHE E 125 25.26 -6.10 -0.63
CA PHE E 125 26.36 -6.98 -0.99
C PHE E 125 27.57 -6.65 -0.14
N GLU E 126 27.99 -7.60 0.69
CA GLU E 126 29.08 -7.38 1.63
C GLU E 126 30.38 -7.11 0.88
N PRO E 127 31.32 -6.40 1.50
CA PRO E 127 32.61 -6.15 0.85
C PRO E 127 33.40 -7.42 0.64
N SER E 128 34.39 -7.33 -0.24
CA SER E 128 35.28 -8.45 -0.52
C SER E 128 36.53 -8.32 0.34
N GLU E 129 37.05 -9.47 0.79
CA GLU E 129 38.25 -9.46 1.61
C GLU E 129 39.49 -9.04 0.83
N ALA E 130 39.45 -9.14 -0.51
CA ALA E 130 40.56 -8.66 -1.31
C ALA E 130 40.64 -7.14 -1.30
N GLU E 131 39.51 -6.46 -1.23
CA GLU E 131 39.52 -5.00 -1.14
C GLU E 131 39.95 -4.53 0.24
N ILE E 132 39.59 -5.29 1.29
CA ILE E 132 39.91 -4.89 2.66
C ILE E 132 41.42 -4.86 2.88
N SER E 133 42.15 -5.77 2.24
CA SER E 133 43.59 -5.85 2.45
C SER E 133 44.35 -4.81 1.63
N HIS E 134 43.96 -4.63 0.36
CA HIS E 134 44.71 -3.76 -0.53
C HIS E 134 44.40 -2.28 -0.31
N THR E 135 43.24 -1.95 0.25
CA THR E 135 42.83 -0.56 0.39
C THR E 135 42.61 -0.11 1.82
N GLN E 136 42.54 -1.04 2.78
CA GLN E 136 42.16 -0.73 4.17
C GLN E 136 40.80 -0.05 4.24
N LYS E 137 39.96 -0.33 3.25
CA LYS E 137 38.61 0.24 3.17
C LYS E 137 37.69 -0.84 2.62
N ALA E 138 36.38 -0.54 2.61
CA ALA E 138 35.40 -1.54 2.20
C ALA E 138 34.10 -0.84 1.84
N THR E 139 33.56 -1.17 0.66
CA THR E 139 32.29 -0.62 0.20
C THR E 139 31.16 -1.61 0.41
N LEU E 140 29.97 -1.09 0.67
CA LEU E 140 28.74 -1.87 0.71
C LEU E 140 27.86 -1.41 -0.44
N VAL E 141 27.69 -2.27 -1.44
CA VAL E 141 26.92 -1.93 -2.63
C VAL E 141 25.48 -2.40 -2.45
N CYS E 142 24.53 -1.50 -2.76
CA CYS E 142 23.11 -1.79 -2.67
C CYS E 142 22.49 -1.77 -4.05
N LEU E 143 21.45 -2.58 -4.24
CA LEU E 143 20.78 -2.70 -5.53
C LEU E 143 19.28 -2.72 -5.33
N ALA E 144 18.58 -1.75 -5.90
CA ALA E 144 17.13 -1.75 -6.01
C ALA E 144 16.79 -2.03 -7.47
N THR E 145 16.20 -3.19 -7.74
CA THR E 145 16.02 -3.68 -9.10
C THR E 145 14.55 -3.97 -9.38
N GLY E 146 14.18 -3.82 -10.64
CA GLY E 146 12.86 -4.22 -11.13
C GLY E 146 11.70 -3.43 -10.59
N PHE E 147 11.84 -2.10 -10.50
CA PHE E 147 10.78 -1.24 -9.99
C PHE E 147 10.34 -0.27 -11.08
N TYR E 148 9.09 0.17 -10.99
CA TYR E 148 8.48 1.09 -11.91
C TYR E 148 7.27 1.73 -11.24
N PRO E 149 7.10 3.05 -11.34
CA PRO E 149 8.01 3.99 -12.00
C PRO E 149 9.25 4.29 -11.16
N ASP E 150 10.13 5.15 -11.67
CA ASP E 150 11.36 5.44 -10.96
C ASP E 150 11.13 6.50 -9.89
N HIS E 151 10.16 6.25 -9.01
CA HIS E 151 9.89 7.12 -7.87
C HIS E 151 10.55 6.49 -6.64
N VAL E 152 11.86 6.65 -6.55
CA VAL E 152 12.68 5.96 -5.56
C VAL E 152 13.65 6.95 -4.93
N GLU E 153 13.74 6.94 -3.60
CA GLU E 153 14.70 7.72 -2.84
C GLU E 153 15.46 6.77 -1.93
N LEU E 154 16.75 6.59 -2.19
CA LEU E 154 17.58 5.66 -1.43
C LEU E 154 18.34 6.40 -0.33
N SER E 155 18.58 5.70 0.77
CA SER E 155 19.32 6.25 1.89
C SER E 155 19.96 5.13 2.68
N TRP E 156 21.15 5.39 3.21
CA TRP E 156 21.87 4.44 4.06
C TRP E 156 21.68 4.80 5.53
N TRP E 157 21.62 3.77 6.37
CA TRP E 157 21.39 3.93 7.80
C TRP E 157 22.42 3.09 8.56
N VAL E 158 23.37 3.75 9.19
CA VAL E 158 24.40 3.08 9.98
C VAL E 158 24.02 3.18 11.45
N ASN E 159 23.91 2.03 12.12
CA ASN E 159 23.56 1.97 13.53
C ASN E 159 22.23 2.67 13.82
N GLY E 160 21.29 2.55 12.88
CA GLY E 160 19.97 3.12 13.03
C GLY E 160 19.83 4.57 12.66
N LYS E 161 20.93 5.27 12.36
CA LYS E 161 20.89 6.68 12.02
C LYS E 161 21.34 6.87 10.58
N GLU E 162 20.66 7.76 9.86
CA GLU E 162 20.98 7.99 8.46
C GLU E 162 22.31 8.72 8.34
N VAL E 163 23.14 8.27 7.40
CA VAL E 163 24.46 8.85 7.17
C VAL E 163 24.55 9.33 5.73
N HIS E 164 25.42 10.31 5.49
CA HIS E 164 25.70 10.82 4.16
C HIS E 164 27.16 10.72 3.77
N SER E 165 28.08 10.63 4.73
CA SER E 165 29.49 10.49 4.41
C SER E 165 29.78 9.10 3.84
N GLY E 166 30.68 9.05 2.86
CA GLY E 166 31.02 7.80 2.22
C GLY E 166 29.89 7.16 1.45
N VAL E 167 28.88 7.94 1.08
CA VAL E 167 27.71 7.44 0.36
C VAL E 167 27.71 8.03 -1.04
N CYS E 168 27.45 7.18 -2.03
CA CYS E 168 27.30 7.63 -3.41
C CYS E 168 26.14 6.88 -4.04
N THR E 169 25.16 7.63 -4.54
CA THR E 169 23.98 7.08 -5.18
C THR E 169 23.93 7.55 -6.62
N ASP E 170 23.57 6.64 -7.53
CA ASP E 170 23.43 7.01 -8.93
C ASP E 170 22.45 8.18 -9.07
N PRO E 171 22.74 9.17 -9.91
CA PRO E 171 21.86 10.35 -9.99
C PRO E 171 20.43 10.00 -10.38
N GLN E 172 20.26 9.14 -11.39
CA GLN E 172 18.95 8.70 -11.84
C GLN E 172 19.08 7.24 -12.27
N PRO E 173 18.10 6.40 -11.93
CA PRO E 173 18.23 4.98 -12.23
C PRO E 173 18.24 4.69 -13.71
N LEU E 174 18.72 3.50 -14.05
CA LEU E 174 18.81 3.05 -15.44
C LEU E 174 17.66 2.09 -15.75
N LYS E 175 17.22 2.12 -17.01
CA LYS E 175 16.22 1.18 -17.48
C LYS E 175 16.88 -0.17 -17.69
N GLU E 176 16.37 -1.20 -17.01
CA GLU E 176 16.97 -2.53 -17.10
C GLU E 176 16.97 -3.05 -18.54
N GLN E 177 15.97 -2.66 -19.33
CA GLN E 177 15.90 -3.02 -20.75
C GLN E 177 15.53 -1.74 -21.51
N PRO E 178 16.53 -0.94 -21.88
CA PRO E 178 16.23 0.40 -22.44
C PRO E 178 15.44 0.36 -23.75
N ALA E 179 15.33 -0.79 -24.41
CA ALA E 179 14.59 -0.86 -25.66
C ALA E 179 13.08 -0.80 -25.46
N LEU E 180 12.60 -1.11 -24.26
CA LEU E 180 11.16 -1.14 -23.97
C LEU E 180 10.73 0.19 -23.37
N ASN E 181 9.51 0.62 -23.74
CA ASN E 181 8.98 1.88 -23.21
C ASN E 181 8.60 1.74 -21.75
N ASP E 182 7.99 0.61 -21.37
CA ASP E 182 7.56 0.35 -20.00
C ASP E 182 8.60 -0.44 -19.21
N SER E 183 9.88 -0.24 -19.51
CA SER E 183 10.94 -1.02 -18.88
C SER E 183 11.02 -0.74 -17.38
N ARG E 184 11.46 -1.75 -16.64
CA ARG E 184 11.74 -1.58 -15.23
C ARG E 184 13.02 -0.75 -15.04
N TYR E 185 13.18 -0.22 -13.83
CA TYR E 185 14.33 0.60 -13.50
C TYR E 185 15.17 -0.11 -12.44
N ALA E 186 16.45 0.26 -12.40
CA ALA E 186 17.40 -0.29 -11.44
C ALA E 186 18.29 0.82 -10.92
N LEU E 187 18.50 0.86 -9.61
CA LEU E 187 19.30 1.89 -8.97
C LEU E 187 20.35 1.23 -8.09
N SER E 188 21.54 1.82 -8.06
CA SER E 188 22.64 1.29 -7.28
C SER E 188 23.20 2.38 -6.37
N SER E 189 23.75 1.94 -5.25
CA SER E 189 24.39 2.84 -4.29
C SER E 189 25.49 2.09 -3.56
N ARG E 190 26.43 2.85 -3.00
CA ARG E 190 27.59 2.26 -2.35
C ARG E 190 27.96 3.08 -1.13
N LEU E 191 28.20 2.39 -0.01
CA LEU E 191 28.61 3.00 1.25
C LEU E 191 29.97 2.43 1.63
N ARG E 192 31.01 3.22 1.46
CA ARG E 192 32.36 2.78 1.78
C ARG E 192 32.72 3.23 3.20
N VAL E 193 33.07 2.28 4.05
CA VAL E 193 33.52 2.56 5.41
C VAL E 193 34.94 2.02 5.57
N SER E 194 35.54 2.32 6.72
CA SER E 194 36.88 1.85 7.00
C SER E 194 36.90 0.34 7.16
N ALA E 195 38.06 -0.26 6.88
CA ALA E 195 38.21 -1.70 7.09
C ALA E 195 38.07 -2.05 8.56
N THR E 196 38.68 -1.26 9.44
CA THR E 196 38.53 -1.48 10.87
C THR E 196 37.10 -1.19 11.34
N PHE E 197 36.35 -0.38 10.59
CA PHE E 197 34.96 -0.10 10.96
C PHE E 197 34.04 -1.24 10.55
N TRP E 198 34.26 -1.81 9.36
CA TRP E 198 33.42 -2.92 8.90
C TRP E 198 33.63 -4.18 9.72
N GLN E 199 34.85 -4.40 10.21
CA GLN E 199 35.14 -5.62 10.96
C GLN E 199 34.55 -5.62 12.36
N ASP E 200 33.92 -4.53 12.78
CA ASP E 200 33.27 -4.48 14.09
C ASP E 200 31.89 -5.12 13.99
N PRO E 201 31.65 -6.24 14.68
CA PRO E 201 30.35 -6.92 14.54
C PRO E 201 29.19 -6.12 15.11
N ARG E 202 29.44 -5.14 15.97
CA ARG E 202 28.36 -4.37 16.57
C ARG E 202 27.82 -3.28 15.66
N ASN E 203 28.45 -3.06 14.51
CA ASN E 203 27.97 -2.04 13.57
C ASN E 203 26.86 -2.61 12.70
N HIS E 204 25.79 -1.84 12.52
CA HIS E 204 24.62 -2.26 11.75
C HIS E 204 24.56 -1.44 10.47
N PHE E 205 24.34 -2.11 9.35
CA PHE E 205 24.24 -1.47 8.05
C PHE E 205 22.91 -1.85 7.41
N ARG E 206 22.22 -0.85 6.84
CA ARG E 206 20.94 -1.09 6.19
C ARG E 206 20.78 -0.12 5.03
N CYS E 207 20.36 -0.65 3.89
CA CYS E 207 20.08 0.16 2.70
C CYS E 207 18.57 0.35 2.60
N GLN E 208 18.11 1.57 2.79
CA GLN E 208 16.69 1.89 2.79
C GLN E 208 16.30 2.54 1.47
N VAL E 209 15.23 2.03 0.86
CA VAL E 209 14.76 2.48 -0.45
C VAL E 209 13.27 2.77 -0.35
N GLN E 210 12.90 4.04 -0.35
CA GLN E 210 11.50 4.44 -0.35
C GLN E 210 10.94 4.40 -1.77
N PHE E 211 9.74 3.84 -1.91
CA PHE E 211 9.09 3.69 -3.20
C PHE E 211 7.74 4.38 -3.17
N TYR E 212 7.44 5.16 -4.20
CA TYR E 212 6.17 5.89 -4.32
C TYR E 212 5.38 5.28 -5.47
N GLY E 213 4.54 4.30 -5.15
CA GLY E 213 3.68 3.68 -6.14
C GLY E 213 2.23 4.09 -6.01
N LEU E 214 1.32 3.12 -6.07
CA LEU E 214 -0.10 3.41 -5.93
C LEU E 214 -0.46 3.71 -4.48
N SER E 215 -1.62 4.32 -4.31
CA SER E 215 -2.20 4.51 -2.99
C SER E 215 -3.17 3.37 -2.68
N GLU E 216 -3.43 3.17 -1.39
CA GLU E 216 -4.26 2.05 -0.97
C GLU E 216 -5.71 2.20 -1.42
N ASN E 217 -6.15 3.41 -1.75
CA ASN E 217 -7.50 3.61 -2.25
C ASN E 217 -7.63 3.31 -3.74
N ASP E 218 -6.52 3.13 -4.45
CA ASP E 218 -6.58 2.75 -5.86
C ASP E 218 -7.00 1.29 -5.99
N GLU E 219 -7.68 0.99 -7.09
CA GLU E 219 -8.17 -0.37 -7.34
C GLU E 219 -7.07 -1.24 -7.91
N TRP E 220 -6.99 -2.48 -7.42
CA TRP E 220 -5.98 -3.43 -7.85
C TRP E 220 -6.66 -4.79 -8.02
N THR E 221 -6.70 -5.27 -9.26
CA THR E 221 -7.41 -6.50 -9.59
C THR E 221 -6.51 -7.71 -9.71
N GLN E 222 -5.20 -7.53 -9.74
CA GLN E 222 -4.29 -8.65 -9.93
C GLN E 222 -4.17 -9.47 -8.64
N ASP E 223 -3.74 -10.72 -8.80
CA ASP E 223 -3.51 -11.59 -7.65
C ASP E 223 -2.15 -11.37 -7.03
N ARG E 224 -1.24 -10.69 -7.73
CA ARG E 224 0.07 -10.37 -7.21
C ARG E 224 -0.06 -9.37 -6.04
N ALA E 225 1.05 -9.20 -5.32
CA ALA E 225 1.07 -8.21 -4.25
C ALA E 225 0.86 -6.82 -4.82
N LYS E 226 0.05 -6.02 -4.12
CA LYS E 226 -0.30 -4.69 -4.60
C LYS E 226 0.87 -3.74 -4.42
N PRO E 227 1.30 -3.04 -5.47
CA PRO E 227 2.45 -2.11 -5.38
C PRO E 227 2.06 -0.77 -4.77
N VAL E 228 1.71 -0.79 -3.49
CA VAL E 228 1.41 0.44 -2.77
C VAL E 228 2.71 1.14 -2.41
N THR E 229 2.61 2.45 -2.13
CA THR E 229 3.75 3.19 -1.59
C THR E 229 4.24 2.50 -0.34
N GLN E 230 5.44 1.93 -0.39
CA GLN E 230 5.94 1.06 0.66
C GLN E 230 7.43 1.31 0.86
N ILE E 231 8.01 0.57 1.81
CA ILE E 231 9.42 0.65 2.13
C ILE E 231 10.04 -0.73 1.98
N VAL E 232 11.17 -0.80 1.29
CA VAL E 232 11.90 -2.04 1.08
C VAL E 232 13.36 -1.79 1.43
N SER E 233 13.94 -2.67 2.24
CA SER E 233 15.30 -2.47 2.72
C SER E 233 15.98 -3.82 2.88
N ALA E 234 17.29 -3.76 3.11
CA ALA E 234 18.11 -4.96 3.33
C ALA E 234 19.20 -4.61 4.33
N GLU E 235 19.45 -5.53 5.26
CA GLU E 235 20.36 -5.30 6.37
C GLU E 235 21.68 -6.05 6.16
N ALA E 236 22.67 -5.66 6.96
CA ALA E 236 23.99 -6.29 6.95
C ALA E 236 24.69 -5.96 8.25
N TRP E 237 25.52 -6.90 8.72
CA TRP E 237 26.24 -6.75 9.98
C TRP E 237 27.74 -6.89 9.74
N GLY E 238 28.52 -6.39 10.70
CA GLY E 238 29.96 -6.46 10.58
C GLY E 238 30.48 -7.87 10.74
N ARG E 239 31.64 -8.13 10.13
CA ARG E 239 32.23 -9.45 10.11
C ARG E 239 33.75 -9.32 10.22
N ALA E 240 34.31 -9.88 11.30
CA ALA E 240 35.75 -9.86 11.51
C ALA E 240 36.49 -10.85 10.63
N ASP E 241 35.80 -11.74 9.93
CA ASP E 241 36.43 -12.72 9.07
C ASP E 241 37.04 -12.05 7.84
#